data_6KXD
#
_entry.id   6KXD
#
_cell.length_a   67.603
_cell.length_b   67.603
_cell.length_c   261.781
_cell.angle_alpha   90.000
_cell.angle_beta   90.000
_cell.angle_gamma   120.000
#
_symmetry.space_group_name_H-M   'P 31 2 1'
#
loop_
_entity.id
_entity.type
_entity.pdbx_description
1 polymer Ketosynthase
2 polymer Ketosynthase
3 non-polymer 'PHOSPHATE ION'
4 non-polymer 1,2-ETHANEDIOL
5 non-polymer 'ACETATE ION'
6 water water
#
loop_
_entity_poly.entity_id
_entity_poly.type
_entity_poly.pdbx_seq_one_letter_code
_entity_poly.pdbx_strand_id
1 'polypeptide(L)'
;MSTATARRRVVLTGFGVISSIGTGVEEYTAGLRAGRSGARPITRFDTEGFGQNTACEVPDFEPGRWIHHVPLDDMGRAGQ
YAVAAARMAVDDAGLTEDDLGERQAVITVGTTDGESHDIAVLLEQELAAGDPEAMDPVLARRINAGRLSTVIARELRMPN
VEATTVTTACAAGNYSVGYGLDSIRSGEVDIALCGGADAVCRKAFALFKRFGALTPDVVRPFDKDRQGILTGEGAGILVL
ESLESALARGARIHAEVLGYGLSCDAAHPTAPNRDGIARGIRLALDDAGVEQEEIDFISAHGTGTKANDKTESAAIVDVY
GDAPPRTVAVKSMLGHSMGAASALGAIACGLAIEHGFIPPTINHRETDPDCPLDVVPNRAVEADVRIVQNNSSAFAGNNA
VLILGTYGE
;
A
2 'polypeptide(L)'
;MTTMSTATARPEATLPPGTPVITGWSAVSPYGIGRAEFAAGVRAGAKTAVKADAGLGPLPSSDVCTVPGFDIQEQLGPRG
TAKMDRLTALALVASDGLLLDADGNRAVATDELTGVVLGITMGSLENVTDFLRQSYTNARPFYVDAGRIPFGSLNHAAGA
TAIRHDLKGPNTTVAGGRVSGLLALNYARRLMGQGRATKYLVGSAEEFSAAHAWFEHTATASGDPAPLLGEGCGLFLVEQ
AEAAERPPLAAVLSVETRVDIDDDPGAAVTACARRALRRAGVDAGEVWAAVPCAAPTAAGRAEHEALAALVPADALSRVP
SMELLGDTGAASASFQIAAVLAAAEADADSRGRIALVCAVDRDGAVAVAVLRLIGEQR
;
B
#
loop_
_chem_comp.id
_chem_comp.type
_chem_comp.name
_chem_comp.formula
ACT non-polymer 'ACETATE ION' 'C2 H3 O2 -1'
EDO non-polymer 1,2-ETHANEDIOL 'C2 H6 O2'
PO4 non-polymer 'PHOSPHATE ION' 'O4 P -3'
#
# COMPACT_ATOMS: atom_id res chain seq x y z
N ARG A 7 14.12 11.87 20.22
CA ARG A 7 13.79 11.04 19.02
C ARG A 7 14.45 11.65 17.79
N ARG A 8 14.84 10.80 16.84
CA ARG A 8 15.67 11.24 15.72
C ARG A 8 14.83 12.14 14.82
N ARG A 9 15.48 13.20 14.32
CA ARG A 9 14.85 14.20 13.48
C ARG A 9 15.08 13.79 12.03
N VAL A 10 14.08 14.06 11.19
CA VAL A 10 14.05 13.60 9.80
C VAL A 10 13.72 14.78 8.89
N VAL A 11 14.46 14.90 7.80
CA VAL A 11 14.42 16.05 6.94
C VAL A 11 14.27 15.62 5.48
N LEU A 12 13.68 16.54 4.71
CA LEU A 12 13.46 16.38 3.30
C LEU A 12 14.62 17.00 2.56
N THR A 13 15.46 16.15 1.97
CA THR A 13 16.63 16.59 1.24
C THR A 13 16.45 16.53 -0.27
N GLY A 14 15.39 15.89 -0.78
CA GLY A 14 15.19 15.84 -2.22
C GLY A 14 13.73 15.69 -2.58
N PHE A 15 13.33 16.35 -3.68
CA PHE A 15 12.00 16.25 -4.23
C PHE A 15 12.10 15.90 -5.70
N GLY A 16 11.32 14.91 -6.10
CA GLY A 16 11.15 14.57 -7.45
C GLY A 16 9.69 14.67 -7.82
N VAL A 17 9.41 15.29 -8.97
CA VAL A 17 8.04 15.63 -9.37
C VAL A 17 7.86 15.40 -10.87
N ILE A 18 6.83 14.60 -11.21
CA ILE A 18 6.23 14.42 -12.49
C ILE A 18 4.77 14.79 -12.31
N SER A 19 4.31 15.91 -12.87
CA SER A 19 2.96 16.35 -12.57
C SER A 19 2.37 17.03 -13.80
N SER A 20 1.05 17.21 -13.73
CA SER A 20 0.25 17.82 -14.76
C SER A 20 0.56 19.32 -14.85
N ILE A 21 1.24 19.92 -13.86
CA ILE A 21 1.58 21.34 -13.84
C ILE A 21 3.08 21.58 -13.84
N GLY A 22 3.87 20.54 -14.18
CA GLY A 22 5.31 20.70 -14.16
C GLY A 22 6.06 19.46 -13.70
N THR A 23 7.24 19.30 -14.28
CA THR A 23 8.16 18.17 -14.08
C THR A 23 9.47 18.74 -13.53
N GLY A 24 9.90 18.23 -12.38
CA GLY A 24 11.02 18.74 -11.64
C GLY A 24 10.60 19.81 -10.66
N VAL A 25 11.42 19.98 -9.62
CA VAL A 25 11.15 20.83 -8.49
C VAL A 25 10.94 22.28 -8.97
N GLU A 26 11.70 22.70 -9.99
CA GLU A 26 11.61 24.09 -10.52
C GLU A 26 10.26 24.31 -11.20
N GLU A 27 9.99 23.50 -12.24
CA GLU A 27 8.73 23.53 -12.99
C GLU A 27 7.54 23.46 -12.02
N TYR A 28 7.68 22.70 -10.93
CA TYR A 28 6.54 22.41 -10.06
C TYR A 28 6.32 23.57 -9.11
N THR A 29 7.41 24.10 -8.53
CA THR A 29 7.31 25.29 -7.75
C THR A 29 6.68 26.42 -8.58
N ALA A 30 6.99 26.47 -9.89
CA ALA A 30 6.46 27.51 -10.80
C ALA A 30 4.95 27.30 -10.93
N GLY A 31 4.57 26.06 -11.27
CA GLY A 31 3.17 25.72 -11.49
C GLY A 31 2.32 26.06 -10.29
N LEU A 32 2.86 25.78 -9.10
CA LEU A 32 2.12 25.94 -7.87
C LEU A 32 1.89 27.44 -7.62
N ARG A 33 2.95 28.21 -7.81
CA ARG A 33 2.92 29.67 -7.62
C ARG A 33 2.03 30.33 -8.68
N ALA A 34 1.92 29.71 -9.85
CA ALA A 34 1.21 30.25 -10.98
C ALA A 34 -0.30 29.97 -10.93
N GLY A 35 -0.74 29.00 -10.13
CA GLY A 35 -2.10 28.56 -10.31
C GLY A 35 -2.27 27.86 -11.65
N ARG A 36 -1.22 27.20 -12.11
CA ARG A 36 -1.34 26.43 -13.36
C ARG A 36 -2.42 25.35 -13.16
N SER A 37 -3.25 25.13 -14.18
CA SER A 37 -4.17 24.02 -14.15
C SER A 37 -3.62 22.96 -15.07
N GLY A 38 -3.63 21.71 -14.60
CA GLY A 38 -3.13 20.62 -15.38
C GLY A 38 -4.18 19.99 -16.26
N ALA A 39 -5.35 20.63 -16.41
CA ALA A 39 -6.45 20.06 -17.15
C ALA A 39 -6.10 20.11 -18.64
N ARG A 40 -6.32 19.01 -19.33
CA ARG A 40 -6.08 18.95 -20.77
C ARG A 40 -6.87 17.78 -21.28
N PRO A 41 -7.08 17.63 -22.61
CA PRO A 41 -7.77 16.46 -23.11
C PRO A 41 -7.01 15.18 -22.70
N ILE A 42 -7.80 14.14 -22.48
CA ILE A 42 -7.28 12.80 -22.25
C ILE A 42 -6.72 12.25 -23.56
N THR A 43 -5.49 11.71 -23.51
CA THR A 43 -4.86 10.99 -24.63
C THR A 43 -4.66 9.50 -24.31
N ARG A 44 -4.70 9.14 -23.01
CA ARG A 44 -4.16 7.83 -22.61
C ARG A 44 -5.08 6.70 -23.06
N PHE A 45 -6.37 6.99 -23.17
CA PHE A 45 -7.33 6.01 -23.58
C PHE A 45 -8.49 6.72 -24.28
N ASP A 46 -9.34 5.90 -24.90
CA ASP A 46 -10.48 6.26 -25.71
C ASP A 46 -11.58 6.80 -24.78
N THR A 47 -11.95 8.08 -24.92
CA THR A 47 -12.96 8.72 -24.08
C THR A 47 -14.36 8.68 -24.72
N GLU A 48 -14.47 8.11 -25.93
CA GLU A 48 -15.74 7.89 -26.61
C GLU A 48 -16.76 7.32 -25.61
N GLY A 49 -17.85 8.07 -25.39
CA GLY A 49 -19.01 7.48 -24.75
C GLY A 49 -19.17 7.99 -23.33
N PHE A 50 -18.13 8.63 -22.80
CA PHE A 50 -18.12 9.15 -21.44
C PHE A 50 -18.82 10.51 -21.39
N GLY A 51 -19.07 11.10 -22.57
CA GLY A 51 -19.68 12.42 -22.72
C GLY A 51 -18.74 13.50 -22.27
N GLN A 52 -17.46 13.16 -22.10
CA GLN A 52 -16.53 13.98 -21.33
C GLN A 52 -15.11 13.46 -21.58
N ASN A 53 -14.11 14.34 -21.64
CA ASN A 53 -12.78 13.84 -22.08
C ASN A 53 -11.62 14.71 -21.55
N THR A 54 -11.80 15.36 -20.40
CA THR A 54 -10.77 16.15 -19.74
C THR A 54 -10.24 15.39 -18.50
N ALA A 55 -8.94 15.47 -18.30
CA ALA A 55 -8.27 14.92 -17.12
C ALA A 55 -7.02 15.76 -16.97
N CYS A 56 -6.22 15.49 -15.93
CA CYS A 56 -5.04 16.24 -15.69
C CYS A 56 -3.84 15.33 -15.93
N GLU A 57 -3.62 15.01 -17.21
CA GLU A 57 -2.52 14.17 -17.60
C GLU A 57 -1.21 14.93 -17.50
N VAL A 58 -0.13 14.15 -17.39
CA VAL A 58 1.19 14.65 -17.59
C VAL A 58 1.35 14.75 -19.10
N PRO A 59 1.62 15.96 -19.61
CA PRO A 59 1.50 16.20 -21.05
C PRO A 59 2.60 15.56 -21.93
N ASP A 60 3.87 15.72 -21.50
CA ASP A 60 4.99 15.50 -22.40
C ASP A 60 6.11 14.74 -21.67
N PHE A 61 5.75 13.58 -21.13
CA PHE A 61 6.65 12.75 -20.37
C PHE A 61 7.68 12.07 -21.28
N GLU A 62 8.96 12.26 -20.96
CA GLU A 62 10.06 11.63 -21.69
C GLU A 62 10.85 10.75 -20.74
N PRO A 63 10.55 9.45 -20.71
CA PRO A 63 11.14 8.54 -19.72
C PRO A 63 12.67 8.53 -19.82
N GLY A 64 13.20 8.68 -21.04
CA GLY A 64 14.62 8.66 -21.31
C GLY A 64 15.37 9.74 -20.55
N ARG A 65 14.72 10.83 -20.16
CA ARG A 65 15.42 11.84 -19.37
C ARG A 65 15.85 11.24 -18.03
N TRP A 66 15.13 10.22 -17.53
CA TRP A 66 15.20 9.83 -16.12
C TRP A 66 15.62 8.38 -15.94
N ILE A 67 15.13 7.53 -16.86
CA ILE A 67 15.20 6.10 -16.72
C ILE A 67 16.30 5.57 -17.63
N HIS A 68 17.24 4.87 -17.00
CA HIS A 68 18.48 4.47 -17.67
C HIS A 68 18.64 2.96 -17.71
N HIS A 69 18.19 2.26 -16.64
CA HIS A 69 18.57 0.91 -16.38
C HIS A 69 17.42 -0.05 -16.60
N VAL A 70 16.22 0.33 -16.15
CA VAL A 70 15.11 -0.54 -16.19
C VAL A 70 14.50 -0.42 -17.58
N PRO A 71 14.30 -1.52 -18.34
CA PRO A 71 13.56 -1.45 -19.59
C PRO A 71 12.17 -0.86 -19.34
N LEU A 72 11.74 0.04 -20.23
CA LEU A 72 10.43 0.70 -20.10
C LEU A 72 9.28 -0.32 -20.10
N ASP A 73 9.41 -1.44 -20.80
CA ASP A 73 8.31 -2.33 -20.83
C ASP A 73 8.20 -3.14 -19.51
N ASP A 74 9.15 -2.96 -18.59
CA ASP A 74 9.03 -3.60 -17.28
C ASP A 74 8.04 -2.83 -16.42
N MET A 75 7.65 -1.64 -16.88
CA MET A 75 6.79 -0.75 -16.07
C MET A 75 5.65 -0.27 -16.95
N GLY A 76 4.48 -0.05 -16.34
CA GLY A 76 3.54 0.78 -16.98
C GLY A 76 3.83 2.23 -16.65
N ARG A 77 2.89 3.08 -17.02
CA ARG A 77 3.09 4.48 -16.89
C ARG A 77 3.32 4.88 -15.43
N ALA A 78 2.55 4.30 -14.48
CA ALA A 78 2.68 4.76 -13.14
C ALA A 78 4.11 4.48 -12.62
N GLY A 79 4.60 3.28 -12.96
CA GLY A 79 5.95 2.84 -12.58
C GLY A 79 6.99 3.76 -13.20
N GLN A 80 6.77 4.13 -14.46
CA GLN A 80 7.69 5.05 -15.09
C GLN A 80 7.68 6.38 -14.35
N TYR A 81 6.50 6.89 -13.99
CA TYR A 81 6.51 8.12 -13.28
C TYR A 81 7.24 8.00 -11.95
N ALA A 82 7.05 6.86 -11.28
CA ALA A 82 7.61 6.68 -9.96
C ALA A 82 9.15 6.75 -10.06
N VAL A 83 9.64 6.01 -11.05
CA VAL A 83 11.09 5.85 -11.25
C VAL A 83 11.68 7.22 -11.65
N ALA A 84 11.02 7.91 -12.59
CA ALA A 84 11.48 9.25 -13.00
C ALA A 84 11.53 10.21 -11.79
N ALA A 85 10.46 10.30 -10.98
CA ALA A 85 10.45 11.16 -9.87
C ALA A 85 11.51 10.75 -8.86
N ALA A 86 11.73 9.43 -8.69
CA ALA A 86 12.73 8.96 -7.77
C ALA A 86 14.11 9.45 -8.23
N ARG A 87 14.41 9.26 -9.51
CA ARG A 87 15.68 9.75 -10.12
C ARG A 87 15.82 11.23 -9.76
N MET A 88 14.82 12.02 -10.14
CA MET A 88 14.83 13.44 -9.89
C MET A 88 15.07 13.74 -8.42
N ALA A 89 14.42 12.97 -7.53
CA ALA A 89 14.48 13.26 -6.15
C ALA A 89 15.90 13.01 -5.63
N VAL A 90 16.52 11.91 -6.05
CA VAL A 90 17.84 11.61 -5.56
C VAL A 90 18.84 12.60 -6.19
N ASP A 91 18.62 12.95 -7.46
CA ASP A 91 19.36 14.07 -8.10
C ASP A 91 19.24 15.32 -7.20
N ASP A 92 18.00 15.68 -6.88
CA ASP A 92 17.69 16.87 -6.11
C ASP A 92 18.30 16.77 -4.72
N ALA A 93 18.54 15.55 -4.23
CA ALA A 93 19.10 15.42 -2.89
C ALA A 93 20.64 15.46 -2.93
N GLY A 94 21.23 15.39 -4.12
CA GLY A 94 22.71 15.32 -4.28
C GLY A 94 23.23 13.92 -4.04
N LEU A 95 22.35 12.94 -4.23
CA LEU A 95 22.64 11.55 -3.95
C LEU A 95 22.81 10.86 -5.29
N THR A 96 23.87 10.09 -5.43
CA THR A 96 24.04 9.34 -6.66
C THR A 96 23.75 7.87 -6.35
N GLU A 97 23.71 7.04 -7.40
CA GLU A 97 23.48 5.61 -7.26
C GLU A 97 24.58 5.01 -6.37
N ASP A 98 25.79 5.59 -6.41
CA ASP A 98 26.93 5.13 -5.62
C ASP A 98 26.63 5.31 -4.13
N ASP A 99 26.09 6.47 -3.74
CA ASP A 99 25.75 6.82 -2.33
C ASP A 99 24.59 5.93 -1.82
N LEU A 100 23.73 5.51 -2.76
CA LEU A 100 22.49 4.83 -2.44
C LEU A 100 22.73 3.32 -2.28
N GLY A 101 23.59 2.75 -3.15
CA GLY A 101 23.90 1.31 -3.15
C GLY A 101 24.40 0.85 -1.78
N GLU A 102 25.00 1.80 -1.05
CA GLU A 102 25.69 1.60 0.22
C GLU A 102 24.71 1.63 1.38
N ARG A 103 23.50 2.19 1.16
CA ARG A 103 22.61 2.50 2.24
C ARG A 103 21.46 1.49 2.30
N GLN A 104 21.17 1.05 3.53
CA GLN A 104 19.92 0.38 3.78
C GLN A 104 18.84 1.47 3.71
N ALA A 105 17.76 1.20 2.99
CA ALA A 105 16.83 2.28 2.73
C ALA A 105 15.44 1.68 2.65
N VAL A 106 14.46 2.57 2.84
CA VAL A 106 13.13 2.23 2.60
C VAL A 106 12.71 2.99 1.33
N ILE A 107 12.02 2.29 0.43
CA ILE A 107 11.39 2.90 -0.73
C ILE A 107 9.92 2.56 -0.65
N THR A 108 9.09 3.56 -0.47
CA THR A 108 7.69 3.34 -0.24
C THR A 108 6.93 4.33 -1.11
N VAL A 109 6.22 3.73 -2.08
CA VAL A 109 5.48 4.40 -3.09
C VAL A 109 4.01 4.08 -2.86
N GLY A 110 3.22 5.13 -2.77
CA GLY A 110 1.80 5.01 -2.65
C GLY A 110 1.17 4.90 -4.02
N THR A 111 0.03 4.22 -4.12
CA THR A 111 -0.73 4.21 -5.35
C THR A 111 -2.20 3.92 -5.09
N THR A 112 -3.05 4.41 -5.99
CA THR A 112 -4.47 4.04 -5.95
C THR A 112 -4.73 2.90 -6.91
N ASP A 113 -4.31 3.13 -8.18
CA ASP A 113 -4.71 2.34 -9.33
C ASP A 113 -3.52 1.60 -9.94
N GLY A 114 -2.31 2.01 -9.60
CA GLY A 114 -1.17 1.30 -10.16
C GLY A 114 -1.26 1.28 -11.67
N GLU A 115 -0.99 0.11 -12.28
CA GLU A 115 -1.01 -0.02 -13.75
C GLU A 115 -2.39 -0.49 -14.20
N SER A 116 -3.44 0.15 -13.67
CA SER A 116 -4.76 -0.28 -14.05
C SER A 116 -5.01 -0.05 -15.57
N HIS A 117 -4.31 0.90 -16.16
CA HIS A 117 -4.36 1.07 -17.61
C HIS A 117 -3.89 -0.18 -18.32
N ASP A 118 -2.74 -0.76 -17.89
CA ASP A 118 -2.25 -2.02 -18.42
C ASP A 118 -3.29 -3.12 -18.25
N ILE A 119 -4.00 -3.15 -17.09
CA ILE A 119 -5.02 -4.16 -16.87
C ILE A 119 -6.09 -4.00 -17.97
N ALA A 120 -6.45 -2.76 -18.25
CA ALA A 120 -7.52 -2.46 -19.25
C ALA A 120 -7.04 -2.95 -20.63
N VAL A 121 -5.80 -2.66 -20.94
CA VAL A 121 -5.25 -3.07 -22.23
C VAL A 121 -5.21 -4.58 -22.35
N LEU A 122 -4.85 -5.26 -21.26
CA LEU A 122 -4.93 -6.70 -21.23
C LEU A 122 -6.34 -7.20 -21.54
N LEU A 123 -7.35 -6.59 -20.91
CA LEU A 123 -8.71 -7.05 -21.17
C LEU A 123 -9.12 -6.78 -22.63
N GLU A 124 -8.70 -5.62 -23.17
CA GLU A 124 -8.88 -5.25 -24.59
C GLU A 124 -8.34 -6.37 -25.48
N GLN A 125 -7.18 -6.93 -25.12
CA GLN A 125 -6.54 -7.94 -25.96
C GLN A 125 -7.38 -9.21 -25.95
N GLU A 126 -7.91 -9.56 -24.77
CA GLU A 126 -8.72 -10.73 -24.62
C GLU A 126 -10.04 -10.50 -25.37
N LEU A 127 -10.60 -9.31 -25.23
CA LEU A 127 -11.91 -8.98 -25.82
C LEU A 127 -11.81 -8.94 -27.36
N ALA A 128 -10.78 -8.28 -27.91
CA ALA A 128 -10.54 -8.28 -29.37
C ALA A 128 -10.46 -9.72 -29.92
N ALA A 129 -9.56 -10.53 -29.36
CA ALA A 129 -9.34 -11.92 -29.82
C ALA A 129 -10.47 -12.87 -29.43
N GLY A 130 -11.31 -12.50 -28.45
CA GLY A 130 -12.23 -13.45 -27.80
C GLY A 130 -11.50 -14.63 -27.17
N ASP A 131 -10.29 -14.39 -26.66
CA ASP A 131 -9.36 -15.46 -26.31
C ASP A 131 -8.37 -14.96 -25.26
N PRO A 132 -8.35 -15.56 -24.05
CA PRO A 132 -7.41 -15.14 -23.00
C PRO A 132 -5.95 -15.19 -23.44
N GLU A 133 -5.63 -16.12 -24.36
CA GLU A 133 -4.27 -16.40 -24.76
C GLU A 133 -3.69 -15.26 -25.62
N ALA A 134 -4.51 -14.29 -26.03
CA ALA A 134 -4.05 -13.10 -26.79
C ALA A 134 -3.40 -12.07 -25.86
N MET A 135 -3.54 -12.25 -24.55
CA MET A 135 -3.02 -11.26 -23.64
C MET A 135 -1.48 -11.27 -23.63
N ASP A 136 -0.91 -10.07 -23.59
CA ASP A 136 0.54 -9.87 -23.65
C ASP A 136 1.17 -10.21 -22.30
N PRO A 137 2.11 -11.19 -22.23
CA PRO A 137 2.83 -11.49 -20.99
C PRO A 137 3.51 -10.25 -20.40
N VAL A 138 3.96 -9.34 -21.26
CA VAL A 138 4.76 -8.21 -20.83
C VAL A 138 3.89 -7.30 -19.96
N LEU A 139 2.64 -7.12 -20.39
CA LEU A 139 1.66 -6.40 -19.63
C LEU A 139 1.32 -7.14 -18.34
N ALA A 140 1.04 -8.43 -18.44
CA ALA A 140 0.54 -9.13 -17.27
C ALA A 140 1.63 -9.15 -16.20
N ARG A 141 2.91 -9.12 -16.60
CA ARG A 141 4.00 -9.18 -15.59
C ARG A 141 4.15 -7.89 -14.78
N ARG A 142 3.61 -6.76 -15.25
CA ARG A 142 3.93 -5.54 -14.64
C ARG A 142 2.74 -4.86 -13.93
N ILE A 143 1.61 -5.56 -13.78
CA ILE A 143 0.36 -4.93 -13.28
C ILE A 143 0.30 -4.89 -11.75
N ASN A 144 1.18 -5.58 -11.07
CA ASN A 144 1.03 -5.68 -9.59
C ASN A 144 1.71 -4.49 -8.93
N ALA A 145 1.03 -3.90 -7.95
CA ALA A 145 1.38 -2.63 -7.40
C ALA A 145 2.75 -2.64 -6.72
N GLY A 146 3.19 -3.81 -6.24
CA GLY A 146 4.44 -3.96 -5.53
C GLY A 146 5.58 -3.50 -6.40
N ARG A 147 5.38 -3.68 -7.70
CA ARG A 147 6.41 -3.33 -8.64
C ARG A 147 6.77 -1.84 -8.64
N LEU A 148 5.84 -0.93 -8.29
CA LEU A 148 6.11 0.46 -8.30
C LEU A 148 7.28 0.82 -7.39
N SER A 149 7.46 0.08 -6.30
CA SER A 149 8.51 0.30 -5.35
C SER A 149 9.79 -0.38 -5.78
N THR A 150 9.66 -1.62 -6.22
CA THR A 150 10.84 -2.44 -6.55
C THR A 150 11.57 -1.89 -7.78
N VAL A 151 10.84 -1.32 -8.76
CA VAL A 151 11.55 -0.82 -9.96
C VAL A 151 12.45 0.37 -9.61
N ILE A 152 12.08 1.20 -8.62
CA ILE A 152 12.90 2.27 -8.17
C ILE A 152 14.22 1.68 -7.68
N ALA A 153 14.12 0.61 -6.89
CA ALA A 153 15.34 0.02 -6.34
C ALA A 153 16.20 -0.45 -7.51
N ARG A 154 15.53 -1.06 -8.48
CA ARG A 154 16.21 -1.58 -9.67
C ARG A 154 16.94 -0.45 -10.40
N GLU A 155 16.22 0.62 -10.68
CA GLU A 155 16.79 1.76 -11.44
C GLU A 155 17.95 2.44 -10.68
N LEU A 156 17.82 2.58 -9.35
CA LEU A 156 18.83 3.28 -8.60
C LEU A 156 19.92 2.33 -8.08
N ARG A 157 19.81 1.04 -8.40
CA ARG A 157 20.77 0.01 -8.06
C ARG A 157 20.92 -0.11 -6.55
N MET A 158 19.78 -0.21 -5.87
CA MET A 158 19.71 -0.29 -4.45
C MET A 158 19.12 -1.63 -4.05
N PRO A 159 19.94 -2.65 -3.72
CA PRO A 159 19.40 -3.96 -3.37
C PRO A 159 18.93 -4.02 -1.92
N ASN A 160 19.52 -3.16 -1.08
CA ASN A 160 19.34 -3.21 0.36
C ASN A 160 18.19 -2.29 0.76
N VAL A 161 17.01 -2.62 0.21
CA VAL A 161 15.85 -1.80 0.28
C VAL A 161 14.69 -2.66 0.75
N GLU A 162 13.87 -2.07 1.61
CA GLU A 162 12.50 -2.48 1.82
C GLU A 162 11.62 -1.67 0.85
N ALA A 163 11.14 -2.34 -0.17
CA ALA A 163 10.31 -1.72 -1.23
C ALA A 163 8.85 -2.08 -0.99
N THR A 164 8.12 -1.12 -0.43
CA THR A 164 6.79 -1.32 -0.02
C THR A 164 5.90 -0.36 -0.80
N THR A 165 4.98 -0.91 -1.56
CA THR A 165 3.97 -0.04 -2.14
C THR A 165 2.77 0.02 -1.20
N VAL A 166 2.40 1.24 -0.82
CA VAL A 166 1.28 1.44 0.05
C VAL A 166 0.06 1.75 -0.84
N THR A 167 -0.98 0.95 -0.68
CA THR A 167 -2.15 1.03 -1.56
C THR A 167 -3.33 1.59 -0.75
N THR A 168 -3.14 2.77 -0.17
CA THR A 168 -4.18 3.44 0.58
C THR A 168 -4.69 4.63 -0.25
N ALA A 169 -4.66 4.45 -1.55
CA ALA A 169 -5.28 5.37 -2.53
C ALA A 169 -4.84 6.83 -2.32
N CYS A 170 -5.77 7.78 -2.14
CA CYS A 170 -5.39 9.20 -2.12
C CYS A 170 -4.49 9.57 -0.94
N ALA A 171 -4.53 8.73 0.10
CA ALA A 171 -3.75 9.01 1.27
C ALA A 171 -2.37 8.36 1.17
N ALA A 172 -2.11 7.64 0.08
CA ALA A 172 -1.00 6.71 0.06
C ALA A 172 0.33 7.47 0.14
N GLY A 173 0.45 8.64 -0.50
CA GLY A 173 1.66 9.46 -0.42
C GLY A 173 2.03 9.83 1.01
N ASN A 174 1.05 10.29 1.79
CA ASN A 174 1.23 10.66 3.16
C ASN A 174 1.55 9.43 4.02
N TYR A 175 0.86 8.32 3.74
CA TYR A 175 1.22 7.07 4.45
C TYR A 175 2.68 6.74 4.23
N SER A 176 3.10 6.91 2.98
CA SER A 176 4.44 6.49 2.57
C SER A 176 5.50 7.38 3.23
N VAL A 177 5.28 8.71 3.24
CA VAL A 177 6.17 9.64 3.88
C VAL A 177 6.23 9.33 5.37
N GLY A 178 5.07 9.10 5.97
CA GLY A 178 4.97 8.75 7.37
C GLY A 178 5.73 7.48 7.69
N TYR A 179 5.66 6.49 6.80
CA TYR A 179 6.38 5.26 6.98
C TYR A 179 7.88 5.51 6.91
N GLY A 180 8.28 6.34 5.96
CA GLY A 180 9.69 6.75 5.89
C GLY A 180 10.11 7.38 7.21
N LEU A 181 9.26 8.25 7.75
CA LEU A 181 9.57 8.95 8.96
C LEU A 181 9.73 7.93 10.08
N ASP A 182 8.76 7.02 10.21
CA ASP A 182 8.83 6.01 11.26
C ASP A 182 10.06 5.14 11.07
N SER A 183 10.39 4.84 9.81
CA SER A 183 11.46 3.93 9.54
C SER A 183 12.79 4.57 9.94
N ILE A 184 12.93 5.85 9.61
CA ILE A 184 14.16 6.60 9.99
C ILE A 184 14.17 6.82 11.51
N ARG A 185 13.03 7.18 12.09
CA ARG A 185 12.98 7.46 13.53
C ARG A 185 13.41 6.23 14.32
N SER A 186 13.12 5.03 13.81
CA SER A 186 13.43 3.75 14.44
C SER A 186 14.93 3.50 14.52
N GLY A 187 15.69 4.23 13.69
CA GLY A 187 17.09 4.12 13.63
C GLY A 187 17.55 3.07 12.65
N GLU A 188 16.63 2.28 12.11
CA GLU A 188 17.01 1.13 11.29
C GLU A 188 17.50 1.52 9.89
N VAL A 189 17.10 2.70 9.41
CA VAL A 189 17.56 3.22 8.17
C VAL A 189 17.74 4.72 8.35
N ASP A 190 18.59 5.30 7.51
CA ASP A 190 18.89 6.70 7.58
C ASP A 190 18.30 7.41 6.35
N ILE A 191 17.70 6.63 5.46
CA ILE A 191 17.19 7.19 4.24
C ILE A 191 15.94 6.44 3.78
N ALA A 192 15.01 7.22 3.24
CA ALA A 192 13.74 6.70 2.74
C ALA A 192 13.34 7.53 1.50
N LEU A 193 13.05 6.85 0.41
CA LEU A 193 12.45 7.43 -0.77
C LEU A 193 10.95 7.13 -0.71
N CYS A 194 10.17 8.17 -0.49
CA CYS A 194 8.80 8.03 -0.20
C CYS A 194 7.95 8.88 -1.14
N GLY A 195 6.82 8.36 -1.56
CA GLY A 195 5.88 9.21 -2.25
C GLY A 195 4.71 8.42 -2.76
N GLY A 196 4.33 8.75 -3.99
CA GLY A 196 3.21 8.13 -4.62
C GLY A 196 3.24 8.42 -6.09
N ALA A 197 2.51 7.58 -6.82
CA ALA A 197 2.52 7.54 -8.26
C ALA A 197 1.22 6.94 -8.73
N ASP A 198 0.66 7.49 -9.81
CA ASP A 198 -0.44 6.88 -10.46
C ASP A 198 -0.49 7.37 -11.92
N ALA A 199 -1.26 6.66 -12.72
CA ALA A 199 -1.38 6.99 -14.12
C ALA A 199 -2.86 7.04 -14.45
N VAL A 200 -3.21 8.03 -15.28
CA VAL A 200 -4.58 8.16 -15.77
C VAL A 200 -5.00 6.86 -16.46
N CYS A 201 -6.22 6.41 -16.13
CA CYS A 201 -6.70 5.21 -16.71
C CYS A 201 -8.23 5.29 -16.85
N ARG A 202 -8.73 4.40 -17.67
CA ARG A 202 -10.15 4.29 -17.91
C ARG A 202 -10.87 3.87 -16.62
N LYS A 203 -10.27 2.95 -15.86
CA LYS A 203 -10.89 2.48 -14.61
C LYS A 203 -11.29 3.69 -13.75
N ALA A 204 -10.33 4.59 -13.45
CA ALA A 204 -10.55 5.72 -12.52
C ALA A 204 -11.55 6.71 -13.11
N PHE A 205 -11.42 6.99 -14.40
CA PHE A 205 -12.30 7.92 -15.10
C PHE A 205 -13.74 7.43 -15.00
N ALA A 206 -13.95 6.17 -15.37
CA ALA A 206 -15.26 5.52 -15.35
C ALA A 206 -15.80 5.40 -13.92
N LEU A 207 -14.93 5.11 -12.97
CA LEU A 207 -15.35 5.06 -11.56
C LEU A 207 -15.93 6.41 -11.13
N PHE A 208 -15.15 7.49 -11.29
CA PHE A 208 -15.58 8.79 -10.81
C PHE A 208 -16.75 9.32 -11.64
N LYS A 209 -16.72 9.04 -12.93
CA LYS A 209 -17.86 9.39 -13.80
C LYS A 209 -19.13 8.78 -13.19
N ARG A 210 -19.09 7.47 -12.98
CA ARG A 210 -20.27 6.74 -12.56
C ARG A 210 -20.74 7.20 -11.17
N PHE A 211 -19.82 7.66 -10.34
CA PHE A 211 -20.12 8.26 -9.05
C PHE A 211 -20.75 9.66 -9.19
N GLY A 212 -20.76 10.24 -10.40
CA GLY A 212 -21.19 11.63 -10.59
C GLY A 212 -20.24 12.61 -9.91
N ALA A 213 -19.00 12.18 -9.70
CA ALA A 213 -18.02 12.95 -9.00
C ALA A 213 -17.02 13.63 -9.97
N LEU A 214 -17.23 13.50 -11.28
CA LEU A 214 -16.41 14.20 -12.26
C LEU A 214 -17.00 15.59 -12.53
N THR A 215 -16.20 16.64 -12.40
CA THR A 215 -16.60 17.98 -12.85
C THR A 215 -16.86 17.96 -14.35
N PRO A 216 -17.89 18.68 -14.85
CA PRO A 216 -18.09 18.84 -16.29
C PRO A 216 -17.16 19.92 -16.89
N ASP A 217 -16.52 20.74 -16.06
CA ASP A 217 -15.55 21.72 -16.56
C ASP A 217 -14.27 21.67 -15.73
N VAL A 218 -14.25 22.38 -14.59
CA VAL A 218 -13.07 22.56 -13.78
C VAL A 218 -13.36 22.19 -12.32
N VAL A 219 -12.26 21.92 -11.62
CA VAL A 219 -12.24 21.53 -10.23
C VAL A 219 -12.25 22.81 -9.40
N ARG A 220 -13.28 22.93 -8.55
CA ARG A 220 -13.48 24.09 -7.72
C ARG A 220 -13.58 23.71 -6.25
N PRO A 221 -12.49 23.29 -5.59
CA PRO A 221 -12.53 22.93 -4.18
C PRO A 221 -12.99 24.08 -3.28
N PHE A 222 -13.99 23.72 -2.46
CA PHE A 222 -14.59 24.55 -1.44
C PHE A 222 -15.51 25.61 -2.08
N ASP A 223 -15.71 25.52 -3.40
CA ASP A 223 -16.60 26.43 -4.08
C ASP A 223 -18.04 25.96 -3.83
N LYS A 224 -18.96 26.93 -3.74
CA LYS A 224 -20.36 26.70 -3.50
C LYS A 224 -20.96 25.85 -4.63
N ASP A 225 -20.47 25.98 -5.88
CA ASP A 225 -21.05 25.19 -6.99
C ASP A 225 -20.03 24.19 -7.56
N ARG A 226 -19.08 23.77 -6.72
CA ARG A 226 -18.16 22.66 -7.06
C ARG A 226 -18.98 21.45 -7.54
N GLN A 227 -18.46 20.76 -8.56
CA GLN A 227 -19.16 19.72 -9.28
C GLN A 227 -18.29 18.46 -9.38
N GLY A 228 -17.12 18.49 -8.74
CA GLY A 228 -16.31 17.32 -8.60
C GLY A 228 -14.90 17.52 -9.08
N ILE A 229 -14.29 16.38 -9.41
CA ILE A 229 -12.88 16.26 -9.59
C ILE A 229 -12.58 16.16 -11.08
N LEU A 230 -11.29 16.25 -11.38
CA LEU A 230 -10.75 15.69 -12.60
C LEU A 230 -9.73 14.63 -12.17
N THR A 231 -9.70 13.51 -12.86
CA THR A 231 -8.69 12.44 -12.62
C THR A 231 -7.34 12.95 -13.12
N GLY A 232 -6.31 12.59 -12.37
CA GLY A 232 -4.98 13.05 -12.55
C GLY A 232 -4.00 11.90 -12.41
N GLU A 233 -2.73 12.27 -12.45
CA GLU A 233 -1.69 11.32 -12.43
C GLU A 233 -0.37 12.02 -12.14
N GLY A 234 0.68 11.21 -12.07
CA GLY A 234 1.98 11.73 -11.83
C GLY A 234 2.66 10.99 -10.70
N ALA A 235 3.77 11.54 -10.25
CA ALA A 235 4.51 10.96 -9.16
C ALA A 235 5.18 12.08 -8.38
N GLY A 236 5.17 11.92 -7.07
CA GLY A 236 6.01 12.68 -6.23
C GLY A 236 6.83 11.76 -5.38
N ILE A 237 8.13 11.98 -5.38
CA ILE A 237 9.04 11.25 -4.53
C ILE A 237 9.80 12.24 -3.69
N LEU A 238 9.83 11.94 -2.39
CA LEU A 238 10.53 12.72 -1.43
C LEU A 238 11.69 11.90 -0.89
N VAL A 239 12.88 12.52 -0.81
CA VAL A 239 13.98 11.93 -0.07
C VAL A 239 13.88 12.39 1.38
N LEU A 240 13.68 11.42 2.29
CA LEU A 240 13.73 11.61 3.69
C LEU A 240 15.07 11.09 4.19
N GLU A 241 15.64 11.78 5.17
CA GLU A 241 16.95 11.43 5.70
C GLU A 241 17.02 11.80 7.17
N SER A 242 17.74 11.02 7.96
CA SER A 242 17.97 11.42 9.34
C SER A 242 18.67 12.78 9.31
N LEU A 243 18.33 13.68 10.22
CA LEU A 243 19.08 14.95 10.30
C LEU A 243 20.59 14.67 10.35
N GLU A 244 21.00 13.70 11.19
CA GLU A 244 22.40 13.31 11.32
C GLU A 244 23.03 13.09 9.95
N SER A 245 22.36 12.27 9.13
CA SER A 245 22.87 11.81 7.85
C SER A 245 22.89 12.97 6.82
N ALA A 246 21.88 13.83 6.88
CA ALA A 246 21.80 15.00 6.00
C ALA A 246 22.93 15.98 6.32
N LEU A 247 23.02 16.39 7.61
CA LEU A 247 24.02 17.36 8.06
C LEU A 247 25.43 16.87 7.69
N ALA A 248 25.70 15.60 8.01
CA ALA A 248 27.02 14.95 7.80
C ALA A 248 27.41 14.84 6.31
N ARG A 249 26.45 14.98 5.40
CA ARG A 249 26.62 14.73 3.95
C ARG A 249 26.78 16.05 3.21
N GLY A 250 26.48 17.16 3.89
CA GLY A 250 26.40 18.49 3.29
C GLY A 250 25.17 18.69 2.41
N ALA A 251 24.06 18.04 2.79
CA ALA A 251 22.85 18.05 1.99
C ALA A 251 22.07 19.34 2.23
N ARG A 252 21.55 19.93 1.15
CA ARG A 252 20.55 20.99 1.27
C ARG A 252 19.25 20.35 1.79
N ILE A 253 18.69 20.91 2.86
CA ILE A 253 17.48 20.43 3.50
C ILE A 253 16.32 21.36 3.15
N HIS A 254 15.30 20.84 2.43
CA HIS A 254 14.16 21.61 1.96
C HIS A 254 13.26 21.97 3.16
N ALA A 255 12.96 20.96 3.99
CA ALA A 255 12.10 21.11 5.17
C ALA A 255 12.30 19.91 6.10
N GLU A 256 11.67 19.98 7.28
CA GLU A 256 11.76 18.92 8.24
C GLU A 256 10.41 18.19 8.24
N VAL A 257 10.45 16.87 8.41
CA VAL A 257 9.25 16.08 8.68
C VAL A 257 9.05 16.02 10.20
N LEU A 258 7.96 16.60 10.69
CA LEU A 258 7.73 16.73 12.12
C LEU A 258 6.92 15.54 12.64
N GLY A 259 5.92 15.13 11.86
CA GLY A 259 5.07 14.03 12.30
C GLY A 259 3.96 13.74 11.31
N TYR A 260 3.23 12.69 11.61
CA TYR A 260 2.01 12.40 10.91
C TYR A 260 1.05 11.67 11.83
N GLY A 261 -0.18 11.56 11.34
CA GLY A 261 -1.21 10.84 12.02
C GLY A 261 -1.98 9.99 11.03
N LEU A 262 -2.36 8.79 11.49
CA LEU A 262 -3.18 7.90 10.74
C LEU A 262 -4.39 7.68 11.60
N SER A 263 -5.55 7.76 10.97
CA SER A 263 -6.79 7.32 11.50
C SER A 263 -7.59 6.56 10.46
N CYS A 264 -8.54 5.80 10.98
CA CYS A 264 -9.43 5.13 10.21
C CYS A 264 -10.83 5.52 10.66
N ASP A 265 -11.68 5.84 9.68
CA ASP A 265 -13.07 6.25 10.02
C ASP A 265 -13.89 5.10 10.59
N ALA A 266 -13.66 3.89 10.08
CA ALA A 266 -14.34 2.69 10.46
C ALA A 266 -15.84 2.98 10.36
N ALA A 267 -16.21 3.62 9.26
CA ALA A 267 -17.61 4.01 9.06
C ALA A 267 -18.09 3.58 7.66
N HIS A 268 -17.55 4.23 6.62
CA HIS A 268 -18.07 4.08 5.28
C HIS A 268 -16.94 3.77 4.30
N PRO A 269 -17.17 2.91 3.29
CA PRO A 269 -16.09 2.56 2.36
C PRO A 269 -15.66 3.67 1.40
N THR A 270 -16.44 4.72 1.22
CA THR A 270 -16.12 5.74 0.17
C THR A 270 -16.34 7.17 0.70
N ALA A 271 -17.31 7.34 1.59
CA ALA A 271 -17.64 8.60 2.14
C ALA A 271 -16.59 9.03 3.16
N PRO A 272 -16.24 10.33 3.21
CA PRO A 272 -15.32 10.83 4.21
C PRO A 272 -16.08 10.92 5.53
N ASN A 273 -15.34 11.03 6.60
CA ASN A 273 -15.89 11.04 7.93
C ASN A 273 -15.26 12.17 8.70
N ARG A 274 -16.12 13.06 9.23
CA ARG A 274 -15.63 14.23 9.90
C ARG A 274 -14.73 13.86 11.10
N ASP A 275 -15.26 12.98 11.97
CA ASP A 275 -14.56 12.56 13.22
C ASP A 275 -13.22 11.90 12.87
N GLY A 276 -13.27 11.07 11.82
CA GLY A 276 -12.09 10.35 11.36
C GLY A 276 -11.01 11.30 10.87
N ILE A 277 -11.38 12.27 10.04
CA ILE A 277 -10.40 13.28 9.59
C ILE A 277 -9.87 14.06 10.81
N ALA A 278 -10.78 14.49 11.70
CA ALA A 278 -10.37 15.29 12.84
C ALA A 278 -9.37 14.50 13.71
N ARG A 279 -9.64 13.21 13.93
CA ARG A 279 -8.73 12.37 14.71
C ARG A 279 -7.34 12.34 14.08
N GLY A 280 -7.30 12.16 12.78
CA GLY A 280 -6.05 12.14 12.03
C GLY A 280 -5.26 13.43 12.20
N ILE A 281 -5.96 14.55 12.09
CA ILE A 281 -5.31 15.85 12.27
C ILE A 281 -4.74 15.91 13.69
N ARG A 282 -5.55 15.54 14.70
CA ARG A 282 -5.10 15.68 16.07
C ARG A 282 -3.91 14.77 16.32
N LEU A 283 -3.92 13.56 15.75
CA LEU A 283 -2.81 12.61 15.93
C LEU A 283 -1.52 13.16 15.34
N ALA A 284 -1.65 13.79 14.18
CA ALA A 284 -0.57 14.36 13.49
C ALA A 284 0.05 15.53 14.28
N LEU A 285 -0.83 16.38 14.83
CA LEU A 285 -0.33 17.50 15.63
C LEU A 285 0.40 16.96 16.86
N ASP A 286 -0.15 15.91 17.49
CA ASP A 286 0.44 15.33 18.68
C ASP A 286 1.79 14.69 18.33
N ASP A 287 1.86 14.01 17.18
CA ASP A 287 3.09 13.39 16.77
C ASP A 287 4.14 14.45 16.44
N ALA A 288 3.69 15.53 15.79
CA ALA A 288 4.52 16.65 15.36
C ALA A 288 4.97 17.47 16.58
N GLY A 289 4.16 17.44 17.63
CA GLY A 289 4.45 18.18 18.87
C GLY A 289 4.19 19.65 18.64
N VAL A 290 3.05 19.91 17.98
CA VAL A 290 2.72 21.16 17.35
C VAL A 290 1.28 21.51 17.77
N GLU A 291 1.02 22.79 18.11
CA GLU A 291 -0.31 23.29 18.52
C GLU A 291 -1.04 23.81 17.27
N GLN A 292 -2.37 23.78 17.31
CA GLN A 292 -3.21 24.29 16.23
C GLN A 292 -2.71 25.68 15.78
N GLU A 293 -2.35 26.53 16.76
CA GLU A 293 -1.86 27.94 16.54
C GLU A 293 -0.70 27.99 15.54
N GLU A 294 0.21 27.02 15.62
CA GLU A 294 1.51 27.12 14.94
C GLU A 294 1.38 26.70 13.48
N ILE A 295 0.20 26.22 13.07
CA ILE A 295 0.00 25.78 11.67
C ILE A 295 -0.28 27.01 10.79
N ASP A 296 0.58 27.20 9.77
CA ASP A 296 0.51 28.34 8.88
C ASP A 296 -0.56 28.13 7.82
N PHE A 297 -0.64 26.93 7.24
CA PHE A 297 -1.78 26.59 6.41
C PHE A 297 -1.93 25.06 6.37
N ILE A 298 -3.13 24.64 5.98
CA ILE A 298 -3.47 23.29 5.70
C ILE A 298 -3.51 23.14 4.19
N SER A 299 -2.76 22.16 3.68
CA SER A 299 -2.97 21.62 2.35
C SER A 299 -4.06 20.54 2.47
N ALA A 300 -5.26 20.90 2.03
CA ALA A 300 -6.45 20.13 2.20
C ALA A 300 -6.44 18.94 1.24
N HIS A 301 -7.11 17.86 1.64
CA HIS A 301 -7.44 16.77 0.75
C HIS A 301 -8.25 17.34 -0.42
N GLY A 302 -9.21 18.20 -0.06
CA GLY A 302 -9.88 19.15 -1.01
C GLY A 302 -9.94 18.67 -2.44
N THR A 303 -10.80 17.68 -2.68
CA THR A 303 -10.97 17.07 -3.96
C THR A 303 -11.93 17.87 -4.88
N GLY A 304 -12.84 18.65 -4.28
CA GLY A 304 -13.81 19.42 -5.07
C GLY A 304 -15.16 18.77 -5.19
N THR A 305 -15.38 17.63 -4.50
CA THR A 305 -16.69 17.00 -4.47
C THR A 305 -17.51 17.69 -3.39
N LYS A 306 -18.84 17.59 -3.51
CA LYS A 306 -19.80 18.09 -2.49
C LYS A 306 -19.39 17.54 -1.11
N ALA A 307 -19.44 16.21 -0.95
CA ALA A 307 -19.23 15.56 0.35
C ALA A 307 -17.85 15.91 0.92
N ASN A 308 -16.78 15.78 0.13
CA ASN A 308 -15.48 15.81 0.71
C ASN A 308 -15.28 17.17 1.37
N ASP A 309 -15.56 18.24 0.63
CA ASP A 309 -15.09 19.54 0.99
C ASP A 309 -15.88 19.98 2.24
N LYS A 310 -17.16 19.65 2.32
CA LYS A 310 -17.95 20.10 3.49
C LYS A 310 -17.52 19.28 4.72
N THR A 311 -17.26 17.98 4.52
CA THR A 311 -16.77 17.14 5.66
C THR A 311 -15.38 17.56 6.15
N GLU A 312 -14.45 17.73 5.20
CA GLU A 312 -13.13 18.06 5.60
C GLU A 312 -13.07 19.42 6.31
N SER A 313 -13.83 20.39 5.79
CA SER A 313 -13.94 21.68 6.39
C SER A 313 -14.42 21.55 7.85
N ALA A 314 -15.48 20.74 8.02
CA ALA A 314 -16.07 20.54 9.32
C ALA A 314 -15.03 19.97 10.28
N ALA A 315 -14.16 19.06 9.79
CA ALA A 315 -13.20 18.40 10.64
C ALA A 315 -12.14 19.40 11.05
N ILE A 316 -11.73 20.22 10.08
CA ILE A 316 -10.73 21.25 10.30
C ILE A 316 -11.25 22.21 11.39
N VAL A 317 -12.50 22.63 11.24
CA VAL A 317 -13.11 23.58 12.17
C VAL A 317 -13.27 22.90 13.54
N ASP A 318 -13.59 21.60 13.58
CA ASP A 318 -13.62 20.88 14.83
C ASP A 318 -12.28 20.99 15.56
N VAL A 319 -11.18 20.81 14.84
CA VAL A 319 -9.92 20.71 15.46
C VAL A 319 -9.38 22.10 15.84
N TYR A 320 -9.60 23.07 14.98
CA TYR A 320 -8.91 24.35 15.09
C TYR A 320 -9.80 25.39 15.76
N GLY A 321 -11.06 25.04 16.00
CA GLY A 321 -12.09 26.05 16.28
C GLY A 321 -12.43 26.84 15.03
N ASP A 322 -13.14 27.94 15.25
CA ASP A 322 -13.88 28.62 14.21
C ASP A 322 -12.97 29.65 13.50
N ALA A 323 -11.71 29.78 13.95
CA ALA A 323 -10.64 30.48 13.19
C ALA A 323 -9.54 29.50 12.76
N PRO A 324 -9.84 28.52 11.86
CA PRO A 324 -8.80 27.61 11.37
C PRO A 324 -7.78 28.33 10.49
N PRO A 325 -6.61 27.71 10.21
CA PRO A 325 -5.62 28.33 9.33
C PRO A 325 -6.18 28.34 7.90
N ARG A 326 -5.50 29.09 7.04
CA ARG A 326 -5.80 29.06 5.64
C ARG A 326 -5.72 27.62 5.16
N THR A 327 -6.68 27.23 4.33
CA THR A 327 -6.88 25.89 3.92
C THR A 327 -7.03 25.90 2.39
N VAL A 328 -6.03 25.34 1.72
CA VAL A 328 -5.92 25.37 0.30
C VAL A 328 -5.97 23.96 -0.27
N ALA A 329 -6.39 23.87 -1.53
CA ALA A 329 -6.60 22.63 -2.25
C ALA A 329 -5.78 22.62 -3.55
N VAL A 330 -4.60 21.99 -3.47
CA VAL A 330 -3.66 21.77 -4.59
C VAL A 330 -4.32 21.02 -5.75
N LYS A 331 -5.32 20.18 -5.47
CA LYS A 331 -6.03 19.45 -6.50
C LYS A 331 -6.83 20.39 -7.41
N SER A 332 -7.01 21.63 -6.98
CA SER A 332 -7.63 22.60 -7.86
C SER A 332 -6.76 22.72 -9.10
N MET A 333 -5.43 22.66 -8.90
CA MET A 333 -4.48 22.73 -9.99
C MET A 333 -4.17 21.34 -10.57
N LEU A 334 -3.79 20.37 -9.71
CA LEU A 334 -3.35 19.03 -10.20
C LEU A 334 -4.50 18.17 -10.68
N GLY A 335 -5.73 18.50 -10.30
CA GLY A 335 -6.75 17.51 -10.34
C GLY A 335 -6.43 16.46 -9.28
N HIS A 336 -7.13 15.35 -9.34
CA HIS A 336 -6.96 14.33 -8.32
C HIS A 336 -5.98 13.29 -8.86
N SER A 337 -4.72 13.38 -8.44
CA SER A 337 -3.66 12.53 -8.99
C SER A 337 -3.54 11.22 -8.21
N MET A 338 -4.63 10.83 -7.55
CA MET A 338 -4.81 9.51 -6.96
C MET A 338 -3.64 9.24 -5.99
N GLY A 339 -2.90 8.16 -6.22
CA GLY A 339 -1.87 7.78 -5.27
C GLY A 339 -0.79 8.83 -5.17
N ALA A 340 -0.65 9.64 -6.22
CA ALA A 340 0.34 10.69 -6.18
C ALA A 340 -0.13 11.91 -5.39
N ALA A 341 -1.43 11.97 -5.11
CA ALA A 341 -2.02 13.24 -4.72
C ALA A 341 -1.37 13.76 -3.46
N SER A 342 -1.30 12.96 -2.39
CA SER A 342 -0.80 13.46 -1.15
C SER A 342 0.72 13.63 -1.20
N ALA A 343 1.42 12.90 -2.09
CA ALA A 343 2.84 13.02 -2.22
C ALA A 343 3.17 14.37 -2.89
N LEU A 344 2.46 14.64 -3.98
CA LEU A 344 2.54 15.96 -4.69
C LEU A 344 2.09 17.08 -3.75
N GLY A 345 1.08 16.85 -2.92
CA GLY A 345 0.72 17.81 -1.85
C GLY A 345 1.84 18.03 -0.84
N ALA A 346 2.45 16.93 -0.38
CA ALA A 346 3.55 17.03 0.53
C ALA A 346 4.67 17.90 -0.05
N ILE A 347 4.99 17.68 -1.32
CA ILE A 347 6.09 18.40 -1.95
C ILE A 347 5.70 19.90 -2.02
N ALA A 348 4.46 20.16 -2.44
CA ALA A 348 3.93 21.50 -2.49
C ALA A 348 4.08 22.18 -1.11
N CYS A 349 3.79 21.43 -0.05
CA CYS A 349 3.93 21.87 1.34
C CYS A 349 5.38 22.17 1.70
N GLY A 350 6.29 21.31 1.25
CA GLY A 350 7.66 21.53 1.56
C GLY A 350 8.17 22.77 0.83
N LEU A 351 7.72 22.92 -0.42
CA LEU A 351 8.16 24.01 -1.29
C LEU A 351 7.57 25.33 -0.77
N ALA A 352 6.35 25.23 -0.24
CA ALA A 352 5.65 26.36 0.33
C ALA A 352 6.44 26.85 1.52
N ILE A 353 6.93 25.92 2.35
CA ILE A 353 7.78 26.20 3.52
C ILE A 353 9.06 26.91 3.07
N GLU A 354 9.76 26.29 2.12
CA GLU A 354 11.08 26.68 1.65
C GLU A 354 11.03 28.07 0.99
N HIS A 355 9.98 28.34 0.19
CA HIS A 355 9.90 29.51 -0.69
C HIS A 355 8.95 30.57 -0.13
N GLY A 356 8.37 30.33 1.06
CA GLY A 356 7.56 31.31 1.77
C GLY A 356 6.34 31.72 0.96
N PHE A 357 5.63 30.72 0.42
CA PHE A 357 4.35 30.97 -0.26
C PHE A 357 3.29 29.93 0.12
N ILE A 358 2.05 30.27 -0.18
CA ILE A 358 0.92 29.41 0.00
C ILE A 358 0.25 29.28 -1.36
N PRO A 359 0.20 28.05 -1.92
CA PRO A 359 -0.31 27.86 -3.26
C PRO A 359 -1.81 28.06 -3.20
N PRO A 360 -2.44 28.45 -4.33
CA PRO A 360 -3.85 28.81 -4.34
C PRO A 360 -4.82 27.64 -4.55
N THR A 361 -6.05 27.85 -4.06
CA THR A 361 -7.21 27.13 -4.53
C THR A 361 -7.77 27.90 -5.73
N ILE A 362 -7.56 27.37 -6.93
CA ILE A 362 -7.90 28.04 -8.18
C ILE A 362 -9.32 27.64 -8.58
N ASN A 363 -9.80 28.22 -9.69
CA ASN A 363 -11.17 28.08 -10.16
C ASN A 363 -12.17 28.45 -9.06
N HIS A 364 -11.78 29.35 -8.14
CA HIS A 364 -12.60 29.71 -7.00
C HIS A 364 -13.44 30.94 -7.33
N ARG A 365 -14.75 30.71 -7.46
CA ARG A 365 -15.74 31.79 -7.69
C ARG A 365 -16.25 32.30 -6.35
N GLU A 366 -16.72 31.38 -5.51
CA GLU A 366 -17.43 31.74 -4.28
C GLU A 366 -17.29 30.60 -3.26
N THR A 367 -16.81 30.92 -2.05
CA THR A 367 -16.59 29.95 -1.00
C THR A 367 -17.96 29.41 -0.58
N ASP A 368 -18.08 28.08 -0.51
CA ASP A 368 -19.26 27.47 0.06
C ASP A 368 -19.44 28.07 1.45
N PRO A 369 -20.65 28.56 1.82
CA PRO A 369 -20.86 29.15 3.15
C PRO A 369 -20.64 28.12 4.28
N ASP A 370 -20.83 26.82 3.95
CA ASP A 370 -20.54 25.70 4.89
C ASP A 370 -19.05 25.34 4.90
N CYS A 371 -18.24 25.91 4.01
CA CYS A 371 -16.79 25.84 4.19
C CYS A 371 -16.20 27.19 4.58
N PRO A 372 -16.36 27.65 5.84
CA PRO A 372 -15.98 29.00 6.23
C PRO A 372 -14.45 29.13 6.34
N LEU A 373 -13.75 28.90 5.23
CA LEU A 373 -12.30 28.89 5.24
C LEU A 373 -11.77 29.96 4.31
N ASP A 374 -10.58 30.46 4.65
CA ASP A 374 -9.81 31.20 3.68
C ASP A 374 -9.04 30.18 2.85
N VAL A 375 -9.49 29.98 1.61
CA VAL A 375 -8.93 28.99 0.71
C VAL A 375 -7.79 29.58 -0.15
N VAL A 376 -7.31 30.77 0.22
CA VAL A 376 -6.30 31.47 -0.59
C VAL A 376 -6.75 31.40 -2.04
N PRO A 377 -7.90 32.00 -2.41
CA PRO A 377 -8.49 31.79 -3.73
C PRO A 377 -7.58 32.33 -4.85
N ASN A 378 -7.41 31.52 -5.89
CA ASN A 378 -6.95 31.86 -7.25
C ASN A 378 -5.49 32.36 -7.33
N ARG A 379 -4.95 33.00 -6.29
CA ARG A 379 -3.58 33.50 -6.40
C ARG A 379 -2.78 33.10 -5.18
N ALA A 380 -1.54 32.65 -5.43
CA ALA A 380 -0.59 32.39 -4.38
C ALA A 380 -0.38 33.67 -3.59
N VAL A 381 -0.13 33.52 -2.30
CA VAL A 381 0.23 34.65 -1.46
C VAL A 381 1.60 34.33 -0.85
N GLU A 382 2.33 35.38 -0.47
CA GLU A 382 3.51 35.27 0.31
C GLU A 382 3.11 35.06 1.76
N ALA A 383 3.94 34.35 2.54
CA ALA A 383 3.73 34.23 3.96
C ALA A 383 5.00 33.67 4.60
N ASP A 384 5.08 33.84 5.92
CA ASP A 384 6.13 33.26 6.71
C ASP A 384 5.66 31.86 7.11
N VAL A 385 5.66 30.97 6.12
CA VAL A 385 5.18 29.60 6.32
C VAL A 385 6.29 28.78 6.97
N ARG A 386 6.09 28.44 8.24
CA ARG A 386 7.06 27.67 9.00
C ARG A 386 6.58 26.21 9.18
N ILE A 387 5.26 26.00 9.32
CA ILE A 387 4.70 24.68 9.64
C ILE A 387 3.43 24.49 8.81
N VAL A 388 3.33 23.34 8.13
CA VAL A 388 2.25 23.09 7.22
C VAL A 388 1.69 21.69 7.48
N GLN A 389 0.36 21.60 7.43
CA GLN A 389 -0.37 20.35 7.52
C GLN A 389 -0.82 19.94 6.12
N ASN A 390 -0.54 18.69 5.76
CA ASN A 390 -1.00 18.15 4.52
C ASN A 390 -1.96 17.01 4.82
N ASN A 391 -3.22 17.19 4.42
CA ASN A 391 -4.27 16.31 4.66
C ASN A 391 -4.44 15.35 3.49
N SER A 392 -4.96 14.17 3.83
CA SER A 392 -5.32 13.25 2.83
C SER A 392 -6.30 12.27 3.46
N SER A 393 -7.32 11.93 2.67
CA SER A 393 -8.34 11.01 3.03
C SER A 393 -8.52 10.13 1.81
N ALA A 394 -8.95 8.90 2.04
CA ALA A 394 -9.09 7.97 0.97
C ALA A 394 -10.33 7.15 1.24
N PHE A 395 -10.69 6.37 0.23
CA PHE A 395 -11.65 5.27 0.38
C PHE A 395 -11.18 4.37 1.52
N ALA A 396 -12.12 3.55 2.00
CA ALA A 396 -11.93 2.68 3.21
C ALA A 396 -11.63 3.47 4.50
N GLY A 397 -12.01 4.75 4.53
CA GLY A 397 -11.87 5.59 5.70
C GLY A 397 -10.44 5.87 6.11
N ASN A 398 -9.50 5.77 5.17
CA ASN A 398 -8.13 5.86 5.47
C ASN A 398 -7.74 7.33 5.46
N ASN A 399 -7.35 7.85 6.60
CA ASN A 399 -6.89 9.21 6.67
C ASN A 399 -5.44 9.22 7.11
N ALA A 400 -4.66 10.11 6.49
CA ALA A 400 -3.30 10.37 6.84
C ALA A 400 -3.05 11.88 6.71
N VAL A 401 -2.48 12.43 7.77
CA VAL A 401 -2.17 13.84 7.88
C VAL A 401 -0.69 13.97 8.21
N LEU A 402 0.02 14.78 7.42
CA LEU A 402 1.42 14.97 7.53
C LEU A 402 1.71 16.42 7.92
N ILE A 403 2.65 16.59 8.85
CA ILE A 403 3.08 17.90 9.32
C ILE A 403 4.56 18.04 8.99
N LEU A 404 4.85 19.07 8.18
CA LEU A 404 6.17 19.51 7.82
C LEU A 404 6.45 20.86 8.49
N GLY A 405 7.74 21.14 8.69
CA GLY A 405 8.24 22.34 9.34
C GLY A 405 9.51 22.86 8.66
N THR A 406 9.83 24.14 8.91
CA THR A 406 11.08 24.70 8.39
C THR A 406 12.22 24.03 9.16
N TYR A 407 13.34 23.74 8.48
CA TYR A 407 14.42 23.11 9.19
C TYR A 407 15.00 24.12 10.18
N GLU B 12 10.80 -15.55 26.32
CA GLU B 12 9.74 -14.75 27.03
C GLU B 12 10.43 -13.63 27.81
N ALA B 13 11.10 -14.01 28.90
CA ALA B 13 11.86 -13.09 29.76
C ALA B 13 13.13 -12.61 29.02
N THR B 14 13.53 -13.31 27.95
CA THR B 14 14.83 -13.13 27.27
C THR B 14 14.77 -12.03 26.21
N LEU B 15 13.59 -11.42 25.99
CA LEU B 15 13.28 -10.62 24.77
C LEU B 15 13.66 -9.16 24.94
N PRO B 16 14.30 -8.51 23.92
CA PRO B 16 14.54 -7.07 23.97
C PRO B 16 13.26 -6.30 24.27
N PRO B 17 13.37 -5.03 24.73
CA PRO B 17 12.19 -4.28 25.15
C PRO B 17 11.50 -3.82 23.86
N GLY B 18 10.17 -3.89 23.84
CA GLY B 18 9.36 -3.53 22.66
C GLY B 18 9.49 -4.50 21.49
N THR B 19 9.87 -5.76 21.75
CA THR B 19 9.86 -6.79 20.71
C THR B 19 8.41 -7.16 20.42
N PRO B 20 7.99 -7.17 19.14
CA PRO B 20 6.63 -7.59 18.83
C PRO B 20 6.48 -9.11 19.01
N VAL B 21 5.31 -9.48 19.50
CA VAL B 21 4.93 -10.80 19.70
C VAL B 21 3.62 -11.03 18.98
N ILE B 22 3.52 -12.20 18.36
CA ILE B 22 2.29 -12.63 17.86
C ILE B 22 1.55 -13.36 18.99
N THR B 23 0.32 -12.93 19.27
CA THR B 23 -0.47 -13.51 20.39
C THR B 23 -1.72 -14.20 19.88
N GLY B 24 -1.88 -14.25 18.56
CA GLY B 24 -3.01 -14.90 17.99
C GLY B 24 -2.90 -14.91 16.48
N TRP B 25 -3.64 -15.82 15.87
CA TRP B 25 -3.68 -15.90 14.44
C TRP B 25 -4.95 -16.56 13.97
N SER B 26 -5.20 -16.34 12.69
CA SER B 26 -6.31 -16.85 12.05
C SER B 26 -5.96 -17.07 10.59
N ALA B 27 -6.73 -17.93 9.96
CA ALA B 27 -6.53 -18.23 8.58
C ALA B 27 -7.82 -18.75 7.97
N VAL B 28 -7.99 -18.36 6.71
CA VAL B 28 -8.97 -18.93 5.88
C VAL B 28 -8.15 -19.33 4.67
N SER B 29 -8.19 -20.60 4.35
CA SER B 29 -7.18 -21.12 3.48
C SER B 29 -7.71 -22.30 2.69
N PRO B 30 -6.92 -22.87 1.75
CA PRO B 30 -7.37 -24.05 1.03
C PRO B 30 -7.59 -25.28 1.93
N TYR B 31 -7.16 -25.20 3.21
CA TYR B 31 -7.45 -26.18 4.22
C TYR B 31 -8.84 -26.02 4.80
N GLY B 32 -9.45 -24.84 4.66
CA GLY B 32 -10.77 -24.61 5.15
C GLY B 32 -10.87 -23.27 5.84
N ILE B 33 -11.96 -23.08 6.55
CA ILE B 33 -12.14 -21.86 7.26
C ILE B 33 -11.67 -22.01 8.69
N GLY B 34 -10.70 -21.20 9.09
CA GLY B 34 -10.36 -21.10 10.43
C GLY B 34 -8.98 -21.62 10.68
N ARG B 35 -8.39 -21.11 11.77
CA ARG B 35 -7.10 -21.48 12.29
C ARG B 35 -7.04 -23.00 12.46
N ALA B 36 -8.09 -23.59 13.01
CA ALA B 36 -8.09 -25.05 13.34
C ALA B 36 -7.90 -25.86 12.06
N GLU B 37 -8.66 -25.51 11.02
CA GLU B 37 -8.60 -26.25 9.77
C GLU B 37 -7.18 -26.08 9.20
N PHE B 38 -6.64 -24.85 9.29
CA PHE B 38 -5.31 -24.56 8.73
C PHE B 38 -4.27 -25.43 9.46
N ALA B 39 -4.36 -25.39 10.79
CA ALA B 39 -3.44 -26.10 11.68
C ALA B 39 -3.51 -27.62 11.37
N ALA B 40 -4.74 -28.13 11.27
CA ALA B 40 -4.95 -29.53 10.91
C ALA B 40 -4.27 -29.85 9.58
N GLY B 41 -4.46 -28.98 8.58
CA GLY B 41 -3.93 -29.23 7.22
C GLY B 41 -2.41 -29.21 7.18
N VAL B 42 -1.84 -28.25 7.93
CA VAL B 42 -0.42 -28.07 7.95
C VAL B 42 0.25 -29.26 8.65
N ARG B 43 -0.33 -29.67 9.76
CA ARG B 43 0.27 -30.72 10.57
C ARG B 43 0.16 -32.03 9.81
N ALA B 44 -0.93 -32.18 9.05
CA ALA B 44 -1.18 -33.40 8.29
C ALA B 44 -0.38 -33.41 6.98
N GLY B 45 0.17 -32.26 6.58
CA GLY B 45 0.69 -32.03 5.25
C GLY B 45 -0.31 -32.45 4.21
N ALA B 46 -1.57 -32.02 4.41
CA ALA B 46 -2.67 -32.43 3.56
C ALA B 46 -2.59 -31.70 2.22
N LYS B 47 -3.13 -32.33 1.16
CA LYS B 47 -3.29 -31.73 -0.17
C LYS B 47 -4.60 -30.94 -0.18
N THR B 48 -4.74 -29.98 -1.10
CA THR B 48 -5.88 -29.06 -1.12
C THR B 48 -6.43 -28.83 -2.53
N ALA B 49 -5.70 -29.29 -3.54
CA ALA B 49 -6.07 -29.08 -4.91
C ALA B 49 -7.43 -29.77 -5.13
N VAL B 50 -8.33 -29.05 -5.78
CA VAL B 50 -9.61 -29.58 -6.23
C VAL B 50 -9.78 -29.10 -7.67
N LYS B 51 -10.76 -29.69 -8.33
CA LYS B 51 -11.20 -29.30 -9.63
C LYS B 51 -12.00 -28.02 -9.47
N ALA B 52 -11.74 -27.06 -10.35
CA ALA B 52 -12.26 -25.72 -10.17
C ALA B 52 -13.76 -25.74 -10.43
N ASP B 53 -14.50 -24.90 -9.69
CA ASP B 53 -15.95 -24.82 -9.86
C ASP B 53 -16.25 -24.34 -11.29
N ALA B 54 -17.28 -24.93 -11.93
CA ALA B 54 -17.71 -24.57 -13.30
C ALA B 54 -18.06 -23.07 -13.41
N GLY B 55 -18.58 -22.50 -12.31
CA GLY B 55 -19.04 -21.11 -12.23
C GLY B 55 -17.95 -20.09 -12.56
N LEU B 56 -16.69 -20.42 -12.24
CA LEU B 56 -15.56 -19.53 -12.54
C LEU B 56 -15.31 -19.39 -14.05
N GLY B 57 -15.98 -20.22 -14.86
CA GLY B 57 -15.81 -20.17 -16.30
C GLY B 57 -14.48 -20.80 -16.70
N PRO B 58 -14.06 -20.71 -17.98
CA PRO B 58 -12.82 -21.33 -18.42
C PRO B 58 -11.64 -20.77 -17.58
N LEU B 59 -10.67 -21.64 -17.27
CA LEU B 59 -9.45 -21.30 -16.53
C LEU B 59 -8.26 -21.90 -17.24
N PRO B 60 -7.03 -21.37 -17.03
CA PRO B 60 -5.84 -21.91 -17.67
C PRO B 60 -5.50 -23.32 -17.16
N SER B 61 -6.03 -23.67 -15.99
CA SER B 61 -5.89 -24.94 -15.39
C SER B 61 -7.17 -25.25 -14.61
N SER B 62 -7.50 -26.54 -14.55
CA SER B 62 -8.73 -26.98 -13.91
C SER B 62 -8.50 -27.16 -12.42
N ASP B 63 -7.23 -27.34 -12.03
CA ASP B 63 -6.88 -27.65 -10.69
C ASP B 63 -6.65 -26.33 -9.93
N VAL B 64 -7.29 -26.20 -8.76
CA VAL B 64 -7.22 -24.99 -7.94
C VAL B 64 -7.24 -25.38 -6.45
N CYS B 65 -6.61 -24.52 -5.65
CA CYS B 65 -6.64 -24.64 -4.24
C CYS B 65 -7.49 -23.52 -3.67
N THR B 66 -8.80 -23.69 -3.80
CA THR B 66 -9.75 -22.74 -3.28
C THR B 66 -10.02 -23.11 -1.82
N VAL B 67 -10.60 -22.14 -1.10
CA VAL B 67 -11.10 -22.37 0.22
C VAL B 67 -12.35 -23.25 0.09
N PRO B 68 -12.36 -24.47 0.63
CA PRO B 68 -13.52 -25.35 0.50
C PRO B 68 -14.66 -24.83 1.38
N GLY B 69 -15.88 -24.87 0.84
CA GLY B 69 -17.08 -24.56 1.62
C GLY B 69 -17.19 -23.08 1.92
N PHE B 70 -16.63 -22.23 1.04
CA PHE B 70 -16.58 -20.80 1.33
C PHE B 70 -17.65 -20.08 0.54
N ASP B 71 -18.69 -19.59 1.22
CA ASP B 71 -19.72 -18.81 0.57
C ASP B 71 -19.86 -17.52 1.34
N ILE B 72 -19.77 -16.40 0.63
CA ILE B 72 -19.61 -15.13 1.26
C ILE B 72 -20.82 -14.88 2.15
N GLN B 73 -22.02 -15.11 1.61
CA GLN B 73 -23.24 -14.69 2.33
C GLN B 73 -23.50 -15.65 3.49
N GLU B 74 -23.13 -16.93 3.32
CA GLU B 74 -23.23 -17.92 4.35
C GLU B 74 -22.33 -17.54 5.53
N GLN B 75 -21.11 -17.09 5.23
CA GLN B 75 -20.17 -16.69 6.25
C GLN B 75 -20.52 -15.33 6.86
N LEU B 76 -20.94 -14.35 6.06
CA LEU B 76 -20.97 -12.98 6.52
C LEU B 76 -22.39 -12.44 6.61
N GLY B 77 -23.36 -13.26 6.23
CA GLY B 77 -24.73 -12.85 6.31
C GLY B 77 -25.14 -11.99 5.12
N PRO B 78 -26.38 -11.49 5.13
CA PRO B 78 -26.96 -10.88 3.95
C PRO B 78 -26.61 -9.41 3.75
N ARG B 79 -26.06 -8.74 4.77
CA ARG B 79 -25.92 -7.31 4.73
C ARG B 79 -24.61 -6.91 4.03
N GLY B 80 -24.74 -6.24 2.88
CA GLY B 80 -23.60 -5.64 2.13
C GLY B 80 -22.65 -6.70 1.56
N THR B 81 -23.19 -7.85 1.30
CA THR B 81 -22.38 -9.02 0.91
C THR B 81 -22.65 -9.46 -0.52
N ALA B 82 -23.75 -9.00 -1.10
CA ALA B 82 -24.15 -9.47 -2.45
C ALA B 82 -23.07 -9.14 -3.52
N LYS B 83 -22.47 -7.96 -3.40
CA LYS B 83 -21.50 -7.44 -4.36
C LYS B 83 -20.08 -7.50 -3.78
N MET B 84 -19.93 -8.08 -2.60
CA MET B 84 -18.66 -8.10 -1.90
C MET B 84 -17.66 -8.96 -2.66
N ASP B 85 -16.45 -8.43 -2.80
CA ASP B 85 -15.40 -9.20 -3.44
C ASP B 85 -14.90 -10.28 -2.48
N ARG B 86 -14.41 -11.36 -3.07
CA ARG B 86 -13.99 -12.49 -2.34
C ARG B 86 -12.79 -12.10 -1.44
N LEU B 87 -11.92 -11.21 -1.92
CA LEU B 87 -10.73 -10.83 -1.19
C LEU B 87 -11.16 -10.24 0.16
N THR B 88 -12.08 -9.29 0.07
CA THR B 88 -12.59 -8.66 1.26
C THR B 88 -13.24 -9.71 2.14
N ALA B 89 -14.03 -10.58 1.54
CA ALA B 89 -14.74 -11.60 2.33
C ALA B 89 -13.75 -12.47 3.08
N LEU B 90 -12.68 -12.88 2.40
CA LEU B 90 -11.72 -13.73 3.07
C LEU B 90 -11.08 -13.02 4.27
N ALA B 91 -10.72 -11.74 4.07
CA ALA B 91 -10.12 -10.93 5.10
C ALA B 91 -11.09 -10.82 6.27
N LEU B 92 -12.38 -10.63 5.94
CA LEU B 92 -13.37 -10.39 7.05
C LEU B 92 -13.53 -11.65 7.87
N VAL B 93 -13.64 -12.79 7.19
CA VAL B 93 -13.81 -14.05 7.87
C VAL B 93 -12.56 -14.30 8.70
N ALA B 94 -11.40 -13.98 8.14
CA ALA B 94 -10.20 -14.20 8.91
C ALA B 94 -10.19 -13.29 10.15
N SER B 95 -10.67 -12.04 9.99
CA SER B 95 -10.65 -11.08 11.09
C SER B 95 -11.49 -11.59 12.25
N ASP B 96 -12.63 -12.19 11.92
CA ASP B 96 -13.53 -12.76 12.92
C ASP B 96 -12.83 -13.89 13.69
N GLY B 97 -12.10 -14.75 12.97
CA GLY B 97 -11.33 -15.85 13.60
C GLY B 97 -10.28 -15.29 14.54
N LEU B 98 -9.72 -14.12 14.20
CA LEU B 98 -8.68 -13.55 14.97
C LEU B 98 -9.23 -12.89 16.23
N LEU B 99 -10.28 -12.08 16.08
CA LEU B 99 -10.73 -11.22 17.17
C LEU B 99 -11.82 -11.86 18.04
N LEU B 100 -12.55 -12.81 17.47
CA LEU B 100 -13.62 -13.45 18.16
C LEU B 100 -13.19 -14.89 18.46
N ASP B 101 -13.85 -15.48 19.46
CA ASP B 101 -13.68 -16.91 19.69
C ASP B 101 -14.68 -17.65 18.80
N ALA B 102 -14.75 -18.97 18.97
CA ALA B 102 -15.58 -19.81 18.14
C ALA B 102 -17.07 -19.49 18.36
N ASP B 103 -17.44 -18.93 19.50
CA ASP B 103 -18.85 -18.62 19.77
C ASP B 103 -19.20 -17.16 19.43
N GLY B 104 -18.24 -16.41 18.88
CA GLY B 104 -18.49 -15.04 18.50
C GLY B 104 -18.29 -14.05 19.64
N ASN B 105 -17.77 -14.54 20.77
CA ASN B 105 -17.31 -13.74 21.87
C ASN B 105 -16.06 -12.97 21.45
N ARG B 106 -15.84 -11.86 22.12
CA ARG B 106 -14.74 -11.00 21.81
C ARG B 106 -13.51 -11.55 22.55
N ALA B 107 -12.54 -12.09 21.79
CA ALA B 107 -11.35 -12.70 22.36
C ALA B 107 -10.25 -11.65 22.50
N VAL B 108 -10.26 -10.62 21.65
CA VAL B 108 -9.20 -9.66 21.63
C VAL B 108 -9.81 -8.29 21.90
N ALA B 109 -9.28 -7.60 22.88
CA ALA B 109 -9.69 -6.25 23.20
C ALA B 109 -9.01 -5.34 22.19
N THR B 110 -9.82 -4.67 21.39
CA THR B 110 -9.26 -3.71 20.45
C THR B 110 -9.70 -2.31 20.86
N ASP B 111 -8.93 -1.33 20.43
CA ASP B 111 -9.30 0.05 20.63
C ASP B 111 -8.77 0.89 19.46
N GLU B 112 -8.81 2.21 19.63
CA GLU B 112 -8.39 3.11 18.63
C GLU B 112 -6.88 3.04 18.40
N LEU B 113 -6.11 2.31 19.24
CA LEU B 113 -4.66 2.13 19.04
C LEU B 113 -4.35 0.72 18.52
N THR B 114 -5.40 0.05 18.04
CA THR B 114 -5.25 -1.19 17.31
C THR B 114 -5.13 -0.86 15.83
N GLY B 115 -3.98 -1.20 15.27
CA GLY B 115 -3.73 -1.00 13.85
C GLY B 115 -4.20 -2.17 13.02
N VAL B 116 -4.37 -1.90 11.71
CA VAL B 116 -4.65 -2.94 10.76
C VAL B 116 -3.69 -2.73 9.60
N VAL B 117 -2.95 -3.78 9.22
CA VAL B 117 -2.20 -3.70 7.96
C VAL B 117 -2.34 -5.03 7.21
N LEU B 118 -2.80 -4.96 5.95
CA LEU B 118 -3.04 -6.09 5.13
C LEU B 118 -2.14 -6.02 3.88
N GLY B 119 -1.44 -7.10 3.58
CA GLY B 119 -0.70 -7.22 2.31
C GLY B 119 -1.55 -7.86 1.21
N ILE B 120 -1.35 -7.36 -0.01
CA ILE B 120 -2.08 -7.81 -1.18
C ILE B 120 -1.09 -7.90 -2.33
N THR B 121 -1.56 -8.44 -3.46
CA THR B 121 -0.83 -8.41 -4.74
C THR B 121 -1.36 -7.22 -5.53
N MET B 122 -2.66 -7.29 -5.85
CA MET B 122 -3.25 -6.23 -6.61
C MET B 122 -4.74 -6.21 -6.35
N GLY B 123 -5.12 -6.49 -5.11
CA GLY B 123 -6.53 -6.41 -4.72
C GLY B 123 -7.40 -7.45 -5.43
N SER B 124 -8.68 -7.10 -5.62
CA SER B 124 -9.60 -7.99 -6.29
C SER B 124 -9.46 -7.73 -7.78
N LEU B 125 -8.68 -8.56 -8.45
CA LEU B 125 -8.64 -8.44 -9.91
C LEU B 125 -9.99 -8.85 -10.50
N GLU B 126 -10.76 -9.66 -9.78
CA GLU B 126 -12.11 -10.00 -10.25
C GLU B 126 -12.96 -8.72 -10.33
N ASN B 127 -12.88 -7.87 -9.29
CA ASN B 127 -13.67 -6.66 -9.26
C ASN B 127 -13.28 -5.73 -10.42
N VAL B 128 -11.97 -5.51 -10.59
CA VAL B 128 -11.51 -4.48 -11.46
C VAL B 128 -11.74 -4.93 -12.92
N THR B 129 -11.55 -6.22 -13.18
CA THR B 129 -11.70 -6.76 -14.53
C THR B 129 -13.17 -6.87 -14.89
N ASP B 130 -14.03 -7.16 -13.91
CA ASP B 130 -15.47 -7.14 -14.16
C ASP B 130 -15.90 -5.71 -14.49
N PHE B 131 -15.42 -4.72 -13.72
CA PHE B 131 -15.72 -3.34 -13.90
C PHE B 131 -15.29 -2.94 -15.31
N LEU B 132 -14.06 -3.32 -15.68
CA LEU B 132 -13.58 -2.89 -17.00
C LEU B 132 -14.32 -3.65 -18.11
N ARG B 133 -14.63 -4.92 -17.91
CA ARG B 133 -15.38 -5.67 -18.93
C ARG B 133 -16.70 -4.91 -19.16
N GLN B 134 -17.36 -4.46 -18.09
CA GLN B 134 -18.61 -3.76 -18.22
C GLN B 134 -18.41 -2.45 -18.97
N SER B 135 -17.34 -1.73 -18.62
CA SER B 135 -16.99 -0.51 -19.22
C SER B 135 -16.86 -0.68 -20.74
N TYR B 136 -16.29 -1.80 -21.17
CA TYR B 136 -16.00 -2.00 -22.60
C TYR B 136 -17.25 -2.45 -23.36
N THR B 137 -18.11 -3.24 -22.71
CA THR B 137 -19.14 -4.03 -23.41
C THR B 137 -20.57 -3.50 -23.17
N ASN B 138 -20.76 -2.61 -22.21
CA ASN B 138 -22.09 -2.06 -21.89
C ASN B 138 -22.35 -0.85 -22.77
N ALA B 139 -23.48 -0.17 -22.54
CA ALA B 139 -24.02 0.81 -23.46
C ALA B 139 -23.10 2.01 -23.54
N ARG B 140 -22.68 2.48 -22.35
CA ARG B 140 -21.73 3.52 -22.24
C ARG B 140 -20.61 3.02 -21.33
N PRO B 141 -19.40 3.62 -21.41
CA PRO B 141 -18.22 3.06 -20.74
C PRO B 141 -18.14 3.30 -19.22
N PHE B 142 -19.16 3.93 -18.64
CA PHE B 142 -19.25 4.11 -17.19
C PHE B 142 -20.53 3.47 -16.69
N TYR B 143 -21.12 2.61 -17.54
CA TYR B 143 -22.29 1.77 -17.21
C TYR B 143 -21.79 0.45 -16.61
N VAL B 144 -21.38 0.58 -15.35
CA VAL B 144 -20.82 -0.49 -14.58
C VAL B 144 -21.80 -0.84 -13.45
N ASP B 145 -21.59 -2.03 -12.86
CA ASP B 145 -22.21 -2.41 -11.56
C ASP B 145 -21.70 -1.44 -10.48
N ALA B 146 -22.49 -0.41 -10.20
CA ALA B 146 -22.08 0.66 -9.31
C ALA B 146 -21.94 0.16 -7.86
N GLY B 147 -22.68 -0.89 -7.53
CA GLY B 147 -22.66 -1.50 -6.19
C GLY B 147 -21.32 -2.19 -5.95
N ARG B 148 -20.62 -2.56 -7.02
CA ARG B 148 -19.30 -3.26 -6.90
C ARG B 148 -18.18 -2.24 -6.63
N ILE B 149 -18.42 -0.94 -6.89
CA ILE B 149 -17.36 0.06 -6.90
C ILE B 149 -16.68 0.19 -5.53
N PRO B 150 -17.40 0.27 -4.39
CA PRO B 150 -16.74 0.41 -3.11
C PRO B 150 -15.67 -0.69 -2.92
N PHE B 151 -16.03 -1.90 -3.33
CA PHE B 151 -15.24 -3.08 -3.10
C PHE B 151 -13.93 -3.07 -3.90
N GLY B 152 -13.84 -2.24 -4.94
CA GLY B 152 -12.75 -2.26 -5.88
C GLY B 152 -11.46 -1.68 -5.30
N SER B 153 -11.59 -0.79 -4.32
CA SER B 153 -10.42 -0.09 -3.80
C SER B 153 -9.41 -1.13 -3.30
N LEU B 154 -8.13 -0.92 -3.55
CA LEU B 154 -7.14 -1.88 -3.08
C LEU B 154 -7.17 -1.99 -1.53
N ASN B 155 -7.50 -0.90 -0.85
CA ASN B 155 -7.50 -0.85 0.57
C ASN B 155 -8.84 -1.28 1.14
N HIS B 156 -9.75 -1.77 0.29
CA HIS B 156 -11.08 -2.04 0.77
C HIS B 156 -11.11 -3.14 1.84
N ALA B 157 -10.37 -4.24 1.65
CA ALA B 157 -10.40 -5.32 2.67
C ALA B 157 -9.96 -4.78 4.05
N ALA B 158 -8.89 -3.98 4.11
CA ALA B 158 -8.38 -3.49 5.35
C ALA B 158 -9.42 -2.56 6.00
N GLY B 159 -10.00 -1.68 5.17
CA GLY B 159 -11.02 -0.73 5.56
C GLY B 159 -12.28 -1.43 6.05
N ALA B 160 -12.71 -2.46 5.31
CA ALA B 160 -13.87 -3.26 5.68
C ALA B 160 -13.66 -3.91 7.06
N THR B 161 -12.44 -4.41 7.29
CA THR B 161 -12.11 -5.04 8.57
C THR B 161 -12.34 -4.04 9.68
N ALA B 162 -11.91 -2.80 9.45
CA ALA B 162 -12.04 -1.71 10.43
C ALA B 162 -13.50 -1.35 10.66
N ILE B 163 -14.30 -1.35 9.59
CA ILE B 163 -15.74 -1.03 9.72
C ILE B 163 -16.35 -2.15 10.55
N ARG B 164 -16.02 -3.39 10.21
CA ARG B 164 -16.59 -4.56 10.82
C ARG B 164 -16.31 -4.59 12.34
N HIS B 165 -15.10 -4.24 12.79
CA HIS B 165 -14.68 -4.41 14.16
C HIS B 165 -14.47 -3.08 14.87
N ASP B 166 -14.94 -2.01 14.23
CA ASP B 166 -14.79 -0.67 14.74
C ASP B 166 -13.34 -0.39 15.12
N LEU B 167 -12.45 -0.46 14.11
CA LEU B 167 -11.07 -0.19 14.33
C LEU B 167 -10.71 1.18 13.75
N LYS B 168 -10.75 2.21 14.61
CA LYS B 168 -10.45 3.56 14.20
C LYS B 168 -8.95 3.87 14.15
N GLY B 169 -8.10 2.90 14.51
CA GLY B 169 -6.69 3.13 14.51
C GLY B 169 -6.08 3.03 13.11
N PRO B 170 -4.75 3.02 13.01
CA PRO B 170 -4.08 3.06 11.70
C PRO B 170 -4.60 1.90 10.83
N ASN B 171 -4.82 2.19 9.55
CA ASN B 171 -5.40 1.26 8.64
C ASN B 171 -4.63 1.35 7.33
N THR B 172 -3.85 0.31 7.04
CA THR B 172 -2.96 0.36 5.93
C THR B 172 -3.12 -0.92 5.10
N THR B 173 -2.89 -0.78 3.78
CA THR B 173 -2.80 -1.87 2.90
C THR B 173 -1.48 -1.71 2.15
N VAL B 174 -0.74 -2.81 2.01
CA VAL B 174 0.54 -2.77 1.33
C VAL B 174 0.47 -3.86 0.29
N ALA B 175 1.15 -3.62 -0.84
CA ALA B 175 1.16 -4.58 -1.88
C ALA B 175 2.45 -5.39 -1.72
N GLY B 176 2.91 -6.07 -2.78
CA GLY B 176 4.15 -6.81 -2.65
C GLY B 176 3.98 -8.27 -2.97
N GLY B 177 2.74 -8.72 -3.18
CA GLY B 177 2.54 -10.10 -3.54
C GLY B 177 3.04 -11.05 -2.47
N ARG B 178 3.86 -12.04 -2.84
CA ARG B 178 4.25 -13.04 -1.87
C ARG B 178 4.98 -12.48 -0.64
N VAL B 179 5.64 -11.31 -0.77
CA VAL B 179 6.39 -10.77 0.36
C VAL B 179 5.47 -9.87 1.19
N SER B 180 4.24 -9.64 0.72
CA SER B 180 3.43 -8.55 1.28
C SER B 180 3.13 -8.81 2.78
N GLY B 181 2.94 -10.06 3.17
CA GLY B 181 2.70 -10.37 4.61
C GLY B 181 3.87 -9.95 5.48
N LEU B 182 5.09 -10.09 4.96
CA LEU B 182 6.27 -9.67 5.69
C LEU B 182 6.46 -8.16 5.66
N LEU B 183 6.16 -7.49 4.55
CA LEU B 183 6.17 -6.04 4.49
C LEU B 183 5.16 -5.52 5.49
N ALA B 184 4.01 -6.20 5.56
CA ALA B 184 2.97 -5.77 6.47
C ALA B 184 3.50 -5.90 7.90
N LEU B 185 4.14 -7.05 8.16
CA LEU B 185 4.60 -7.36 9.50
C LEU B 185 5.63 -6.31 9.90
N ASN B 186 6.52 -5.97 8.97
CA ASN B 186 7.57 -5.03 9.29
C ASN B 186 7.00 -3.63 9.50
N TYR B 187 5.98 -3.30 8.68
CA TYR B 187 5.31 -2.06 8.81
C TYR B 187 4.71 -1.94 10.22
N ALA B 188 3.96 -2.95 10.61
CA ALA B 188 3.31 -2.99 11.96
C ALA B 188 4.37 -2.84 13.04
N ARG B 189 5.45 -3.62 12.91
CA ARG B 189 6.53 -3.62 13.85
C ARG B 189 7.04 -2.21 14.01
N ARG B 190 7.31 -1.52 12.89
CA ARG B 190 7.85 -0.18 12.95
C ARG B 190 6.85 0.81 13.56
N LEU B 191 5.60 0.80 13.10
CA LEU B 191 4.60 1.73 13.65
C LEU B 191 4.37 1.49 15.14
N MET B 192 4.34 0.23 15.57
CA MET B 192 4.16 -0.07 16.98
C MET B 192 5.37 0.44 17.75
N GLY B 193 6.56 0.25 17.15
CA GLY B 193 7.83 0.77 17.62
C GLY B 193 7.80 2.26 17.87
N GLN B 194 7.00 2.98 17.08
CA GLN B 194 6.92 4.43 17.19
C GLN B 194 5.70 4.86 18.03
N GLY B 195 4.95 3.89 18.57
CA GLY B 195 3.85 4.19 19.43
C GLY B 195 2.59 4.58 18.67
N ARG B 196 2.48 4.20 17.38
CA ARG B 196 1.33 4.57 16.57
C ARG B 196 0.18 3.58 16.77
N ALA B 197 0.49 2.43 17.38
CA ALA B 197 -0.43 1.37 17.69
C ALA B 197 0.18 0.58 18.84
N THR B 198 -0.67 0.04 19.72
CA THR B 198 -0.26 -0.90 20.79
C THR B 198 -0.49 -2.34 20.35
N LYS B 199 -1.46 -2.55 19.44
CA LYS B 199 -1.74 -3.85 18.92
C LYS B 199 -1.98 -3.70 17.41
N TYR B 200 -1.77 -4.78 16.69
CA TYR B 200 -1.91 -4.77 15.25
C TYR B 200 -2.51 -6.06 14.79
N LEU B 201 -3.46 -5.94 13.86
CA LEU B 201 -3.94 -7.03 13.03
C LEU B 201 -3.10 -6.96 11.78
N VAL B 202 -2.32 -8.00 11.50
CA VAL B 202 -1.34 -7.95 10.43
C VAL B 202 -1.62 -9.18 9.60
N GLY B 203 -1.60 -9.03 8.28
CA GLY B 203 -1.68 -10.26 7.54
C GLY B 203 -1.73 -9.98 6.08
N SER B 204 -2.16 -10.97 5.33
CA SER B 204 -2.18 -10.75 3.91
C SER B 204 -3.21 -11.67 3.31
N ALA B 205 -3.63 -11.39 2.05
CA ALA B 205 -4.77 -12.10 1.51
C ALA B 205 -4.71 -12.12 -0.01
N GLU B 206 -5.23 -13.21 -0.58
CA GLU B 206 -5.33 -13.31 -2.01
C GLU B 206 -6.59 -14.08 -2.35
N GLU B 207 -7.41 -13.54 -3.22
CA GLU B 207 -8.58 -14.26 -3.64
C GLU B 207 -8.22 -15.08 -4.89
N PHE B 208 -8.90 -16.20 -5.05
CA PHE B 208 -8.90 -16.89 -6.31
C PHE B 208 -9.95 -16.22 -7.22
N SER B 209 -9.57 -15.93 -8.46
CA SER B 209 -10.48 -15.37 -9.46
C SER B 209 -10.00 -15.82 -10.82
N ALA B 210 -10.95 -16.00 -11.74
CA ALA B 210 -10.58 -16.32 -13.14
C ALA B 210 -9.62 -15.24 -13.68
N ALA B 211 -9.81 -13.98 -13.27
CA ALA B 211 -8.93 -12.94 -13.77
C ALA B 211 -7.48 -13.17 -13.33
N HIS B 212 -7.32 -13.32 -12.02
CA HIS B 212 -6.03 -13.67 -11.40
C HIS B 212 -5.41 -14.88 -12.10
N ALA B 213 -6.18 -15.97 -12.22
CA ALA B 213 -5.66 -17.19 -12.80
C ALA B 213 -5.16 -16.91 -14.22
N TRP B 214 -5.97 -16.23 -15.03
CA TRP B 214 -5.56 -15.92 -16.43
C TRP B 214 -4.37 -14.96 -16.46
N PHE B 215 -4.34 -13.97 -15.57
CA PHE B 215 -3.24 -13.03 -15.60
C PHE B 215 -1.94 -13.73 -15.21
N GLU B 216 -2.03 -14.59 -14.20
CA GLU B 216 -0.88 -15.35 -13.75
C GLU B 216 -0.33 -16.21 -14.89
N HIS B 217 -1.25 -16.91 -15.56
CA HIS B 217 -0.90 -17.78 -16.69
C HIS B 217 -0.18 -16.95 -17.77
N THR B 218 -0.73 -15.77 -18.08
CA THR B 218 -0.17 -14.89 -19.05
C THR B 218 1.24 -14.48 -18.64
N ALA B 219 1.43 -14.14 -17.35
CA ALA B 219 2.70 -13.64 -16.82
C ALA B 219 3.76 -14.74 -16.73
N THR B 220 3.34 -16.00 -16.69
CA THR B 220 4.27 -17.11 -16.53
C THR B 220 5.33 -17.02 -17.63
N ALA B 221 6.59 -17.31 -17.26
CA ALA B 221 7.67 -17.57 -18.23
C ALA B 221 7.16 -18.56 -19.30
N SER B 222 7.01 -18.06 -20.55
CA SER B 222 6.37 -18.77 -21.67
C SER B 222 6.87 -20.22 -21.73
N GLY B 223 5.92 -21.16 -21.90
CA GLY B 223 6.23 -22.57 -21.86
C GLY B 223 5.73 -23.22 -20.59
N ASP B 224 6.06 -22.63 -19.44
CA ASP B 224 5.81 -23.22 -18.11
C ASP B 224 4.33 -23.53 -17.96
N PRO B 225 3.96 -24.60 -17.20
CA PRO B 225 2.56 -24.99 -17.05
C PRO B 225 1.82 -23.93 -16.20
N ALA B 226 0.51 -23.87 -16.38
CA ALA B 226 -0.31 -22.96 -15.65
C ALA B 226 -0.14 -23.30 -14.18
N PRO B 227 0.21 -22.33 -13.31
CA PRO B 227 0.49 -22.64 -11.91
C PRO B 227 -0.74 -23.16 -11.14
N LEU B 228 -0.49 -24.01 -10.16
CA LEU B 228 -1.48 -24.33 -9.17
C LEU B 228 -1.67 -23.09 -8.27
N LEU B 229 -2.88 -22.52 -8.29
CA LEU B 229 -3.11 -21.26 -7.55
C LEU B 229 -3.99 -21.58 -6.34
N GLY B 230 -3.68 -20.89 -5.24
CA GLY B 230 -4.45 -20.99 -4.03
C GLY B 230 -4.92 -19.61 -3.62
N GLU B 231 -5.58 -19.58 -2.48
CA GLU B 231 -6.12 -18.34 -2.05
C GLU B 231 -6.28 -18.39 -0.53
N GLY B 232 -6.57 -17.22 0.01
CA GLY B 232 -7.07 -17.13 1.29
C GLY B 232 -6.51 -15.93 2.01
N CYS B 233 -6.55 -16.00 3.34
CA CYS B 233 -6.06 -14.92 4.17
C CYS B 233 -5.51 -15.48 5.47
N GLY B 234 -4.34 -14.99 5.87
CA GLY B 234 -3.80 -15.23 7.17
C GLY B 234 -3.62 -13.93 7.89
N LEU B 235 -3.98 -13.91 9.19
CA LEU B 235 -3.88 -12.74 10.02
C LEU B 235 -3.30 -13.10 11.39
N PHE B 236 -2.55 -12.14 11.93
CA PHE B 236 -1.89 -12.22 13.21
C PHE B 236 -2.29 -11.06 14.07
N LEU B 237 -2.46 -11.35 15.37
CA LEU B 237 -2.59 -10.30 16.32
C LEU B 237 -1.18 -10.08 16.88
N VAL B 238 -0.62 -8.90 16.70
CA VAL B 238 0.70 -8.54 17.18
C VAL B 238 0.60 -7.50 18.31
N GLU B 239 1.38 -7.71 19.35
CA GLU B 239 1.43 -6.83 20.53
C GLU B 239 2.90 -6.62 20.90
N GLN B 240 3.13 -5.65 21.79
CA GLN B 240 4.45 -5.43 22.38
C GLN B 240 4.60 -6.44 23.50
N ALA B 241 5.79 -7.04 23.60
CA ALA B 241 5.95 -8.19 24.49
C ALA B 241 5.57 -7.77 25.93
N GLU B 242 6.05 -6.59 26.33
CA GLU B 242 5.77 -6.01 27.68
C GLU B 242 4.26 -6.03 27.95
N ALA B 243 3.51 -5.49 26.98
CA ALA B 243 2.14 -5.12 27.22
C ALA B 243 1.18 -6.24 26.80
N ALA B 244 1.71 -7.38 26.35
CA ALA B 244 0.88 -8.39 25.72
C ALA B 244 -0.19 -8.86 26.69
N GLU B 245 -1.45 -8.80 26.23
CA GLU B 245 -2.66 -9.10 26.98
C GLU B 245 -3.07 -10.56 26.78
N ARG B 246 -2.39 -11.26 25.86
CA ARG B 246 -2.57 -12.69 25.68
C ARG B 246 -1.19 -13.33 25.55
N PRO B 247 -1.04 -14.63 25.89
CA PRO B 247 0.28 -15.25 25.89
C PRO B 247 0.88 -15.20 24.48
N PRO B 248 2.17 -14.80 24.37
CA PRO B 248 2.86 -14.80 23.08
C PRO B 248 3.06 -16.21 22.53
N LEU B 249 2.79 -16.34 21.22
CA LEU B 249 3.03 -17.57 20.50
C LEU B 249 4.41 -17.50 19.87
N ALA B 250 4.87 -16.30 19.50
CA ALA B 250 6.12 -16.14 18.83
C ALA B 250 6.54 -14.69 18.92
N ALA B 251 7.83 -14.47 18.97
CA ALA B 251 8.41 -13.14 18.97
C ALA B 251 8.99 -12.92 17.59
N VAL B 252 8.69 -11.73 17.03
CA VAL B 252 9.27 -11.32 15.77
C VAL B 252 10.61 -10.66 16.04
N LEU B 253 11.69 -11.40 15.80
CA LEU B 253 13.03 -10.96 16.09
C LEU B 253 13.57 -10.05 14.98
N SER B 254 13.26 -10.35 13.73
CA SER B 254 13.70 -9.51 12.66
C SER B 254 12.87 -9.80 11.41
N VAL B 255 12.76 -8.76 10.60
CA VAL B 255 12.21 -8.85 9.26
C VAL B 255 13.12 -8.03 8.38
N GLU B 256 13.67 -8.69 7.37
CA GLU B 256 14.58 -8.07 6.50
C GLU B 256 14.08 -8.29 5.07
N THR B 257 14.44 -7.34 4.23
CA THR B 257 14.02 -7.33 2.87
C THR B 257 15.15 -6.87 1.98
N ARG B 258 15.06 -7.31 0.73
CA ARG B 258 15.96 -6.91 -0.29
C ARG B 258 15.20 -6.88 -1.62
N VAL B 259 15.79 -6.20 -2.59
CA VAL B 259 15.31 -6.30 -3.91
C VAL B 259 16.38 -7.00 -4.73
N ASP B 260 15.94 -7.99 -5.51
CA ASP B 260 16.81 -8.82 -6.32
C ASP B 260 17.09 -8.10 -7.65
N ILE B 261 17.90 -7.05 -7.60
CA ILE B 261 18.11 -6.18 -8.74
C ILE B 261 19.01 -6.87 -9.78
N ASP B 262 19.78 -7.86 -9.37
CA ASP B 262 20.77 -8.49 -10.26
C ASP B 262 20.25 -9.82 -10.78
N ASP B 263 18.96 -10.11 -10.56
CA ASP B 263 18.34 -11.31 -11.06
C ASP B 263 19.15 -12.53 -10.59
N ASP B 264 19.51 -12.52 -9.31
CA ASP B 264 20.14 -13.67 -8.64
C ASP B 264 19.35 -13.95 -7.36
N PRO B 265 18.14 -14.52 -7.48
CA PRO B 265 17.22 -14.63 -6.35
C PRO B 265 17.83 -15.50 -5.24
N GLY B 266 18.66 -16.46 -5.63
CA GLY B 266 19.37 -17.26 -4.62
C GLY B 266 20.24 -16.40 -3.73
N ALA B 267 21.06 -15.57 -4.35
CA ALA B 267 22.00 -14.68 -3.70
C ALA B 267 21.23 -13.65 -2.87
N ALA B 268 20.10 -13.19 -3.37
CA ALA B 268 19.31 -12.20 -2.62
C ALA B 268 18.67 -12.84 -1.39
N VAL B 269 18.14 -14.06 -1.57
CA VAL B 269 17.54 -14.78 -0.45
C VAL B 269 18.61 -15.04 0.61
N THR B 270 19.76 -15.55 0.16
CA THR B 270 20.90 -15.80 1.07
C THR B 270 21.28 -14.54 1.85
N ALA B 271 21.41 -13.41 1.17
CA ALA B 271 21.84 -12.19 1.79
C ALA B 271 20.79 -11.71 2.77
N CYS B 272 19.52 -11.79 2.33
CA CYS B 272 18.42 -11.36 3.14
C CYS B 272 18.32 -12.18 4.42
N ALA B 273 18.41 -13.51 4.30
CA ALA B 273 18.29 -14.45 5.43
C ALA B 273 19.45 -14.21 6.39
N ARG B 274 20.65 -14.05 5.84
CA ARG B 274 21.83 -13.89 6.74
C ARG B 274 21.71 -12.61 7.54
N ARG B 275 21.23 -11.53 6.89
CA ARG B 275 20.99 -10.30 7.56
C ARG B 275 19.90 -10.49 8.62
N ALA B 276 18.81 -11.17 8.27
CA ALA B 276 17.71 -11.37 9.23
C ALA B 276 18.23 -12.16 10.45
N LEU B 277 19.04 -13.17 10.20
CA LEU B 277 19.55 -13.98 11.30
C LEU B 277 20.51 -13.16 12.17
N ARG B 278 21.44 -12.43 11.54
CA ARG B 278 22.34 -11.54 12.27
C ARG B 278 21.51 -10.60 13.17
N ARG B 279 20.53 -9.92 12.57
CA ARG B 279 19.75 -8.89 13.28
C ARG B 279 18.93 -9.51 14.42
N ALA B 280 18.50 -10.75 14.26
CA ALA B 280 17.82 -11.48 15.30
C ALA B 280 18.80 -11.92 16.40
N GLY B 281 20.10 -11.89 16.10
CA GLY B 281 21.16 -12.36 17.01
C GLY B 281 21.18 -13.87 17.12
N VAL B 282 20.85 -14.56 16.02
CA VAL B 282 20.89 -15.99 16.07
C VAL B 282 21.73 -16.49 14.92
N ASP B 283 22.25 -17.69 15.15
CA ASP B 283 23.04 -18.43 14.20
C ASP B 283 22.09 -19.25 13.33
N ALA B 284 22.51 -19.52 12.09
CA ALA B 284 21.68 -20.25 11.16
C ALA B 284 21.41 -21.66 11.65
N GLY B 285 22.41 -22.27 12.34
CA GLY B 285 22.26 -23.56 12.95
C GLY B 285 21.15 -23.61 14.00
N GLU B 286 20.73 -22.47 14.51
CA GLU B 286 19.66 -22.48 15.52
C GLU B 286 18.27 -22.60 14.88
N VAL B 287 18.19 -22.45 13.56
CA VAL B 287 16.88 -22.47 12.91
C VAL B 287 16.29 -23.86 13.01
N TRP B 288 15.08 -23.92 13.58
CA TRP B 288 14.40 -25.16 13.86
C TRP B 288 13.35 -25.43 12.79
N ALA B 289 12.77 -24.35 12.26
CA ALA B 289 11.82 -24.45 11.16
C ALA B 289 12.09 -23.34 10.16
N ALA B 290 12.23 -23.73 8.90
CA ALA B 290 12.43 -22.80 7.83
C ALA B 290 11.37 -23.08 6.76
N VAL B 291 10.62 -22.04 6.40
CA VAL B 291 9.47 -22.16 5.55
C VAL B 291 9.63 -21.18 4.39
N PRO B 292 10.11 -21.68 3.24
CA PRO B 292 10.19 -20.92 2.01
C PRO B 292 8.80 -20.77 1.41
N CYS B 293 8.62 -19.84 0.47
CA CYS B 293 7.28 -19.66 -0.09
C CYS B 293 6.99 -20.71 -1.17
N ALA B 294 8.02 -21.32 -1.69
CA ALA B 294 7.87 -22.43 -2.68
C ALA B 294 7.18 -21.92 -3.97
N ALA B 295 7.41 -20.65 -4.32
CA ALA B 295 6.88 -20.06 -5.57
C ALA B 295 7.27 -21.00 -6.70
N PRO B 296 6.35 -21.29 -7.66
CA PRO B 296 6.63 -22.25 -8.74
C PRO B 296 7.37 -21.56 -9.90
N THR B 297 8.54 -20.97 -9.58
CA THR B 297 9.26 -20.09 -10.44
C THR B 297 10.74 -20.41 -10.23
N ALA B 298 11.59 -19.86 -11.09
CA ALA B 298 13.04 -20.01 -10.95
C ALA B 298 13.46 -19.43 -9.60
N ALA B 299 12.83 -18.31 -9.24
CA ALA B 299 13.16 -17.63 -8.02
C ALA B 299 12.78 -18.51 -6.83
N GLY B 300 11.65 -19.19 -6.92
CA GLY B 300 11.22 -20.14 -5.92
C GLY B 300 12.20 -21.27 -5.75
N ARG B 301 12.69 -21.79 -6.88
CA ARG B 301 13.63 -22.89 -6.83
C ARG B 301 14.94 -22.42 -6.20
N ALA B 302 15.38 -21.22 -6.57
CA ALA B 302 16.58 -20.64 -6.10
C ALA B 302 16.45 -20.41 -4.59
N GLU B 303 15.26 -19.96 -4.15
CA GLU B 303 15.00 -19.72 -2.75
C GLU B 303 15.16 -21.00 -1.95
N HIS B 304 14.56 -22.09 -2.45
CA HIS B 304 14.64 -23.36 -1.85
C HIS B 304 16.11 -23.81 -1.77
N GLU B 305 16.84 -23.69 -2.87
CA GLU B 305 18.28 -24.10 -2.88
C GLU B 305 19.07 -23.27 -1.85
N ALA B 306 18.81 -21.96 -1.81
CA ALA B 306 19.51 -21.04 -0.91
C ALA B 306 19.27 -21.45 0.55
N LEU B 307 18.02 -21.72 0.94
CA LEU B 307 17.71 -22.07 2.30
C LEU B 307 18.21 -23.47 2.65
N ALA B 308 18.19 -24.37 1.67
CA ALA B 308 18.58 -25.73 1.88
C ALA B 308 20.05 -25.75 2.24
N ALA B 309 20.78 -24.72 1.83
CA ALA B 309 22.22 -24.60 2.18
C ALA B 309 22.45 -23.83 3.50
N LEU B 310 21.57 -22.91 3.79
CA LEU B 310 21.73 -21.95 4.82
C LEU B 310 21.28 -22.49 6.18
N VAL B 311 20.19 -23.26 6.22
CA VAL B 311 19.66 -23.70 7.51
C VAL B 311 19.85 -25.20 7.68
N PRO B 312 19.77 -25.73 8.92
CA PRO B 312 19.85 -27.17 9.13
C PRO B 312 18.81 -27.86 8.25
N ALA B 313 19.18 -28.98 7.63
CA ALA B 313 18.25 -29.71 6.77
C ALA B 313 16.94 -30.02 7.52
N ASP B 314 17.07 -30.32 8.81
CA ASP B 314 15.92 -30.70 9.62
C ASP B 314 14.95 -29.53 9.76
N ALA B 315 15.42 -28.29 9.63
CA ALA B 315 14.51 -27.13 9.67
C ALA B 315 13.57 -27.11 8.45
N LEU B 316 13.96 -27.74 7.35
CA LEU B 316 13.13 -27.70 6.16
C LEU B 316 12.10 -28.84 6.14
N SER B 317 12.36 -29.92 6.89
CA SER B 317 11.45 -31.06 7.00
C SER B 317 10.46 -30.87 8.14
N ARG B 318 10.62 -29.80 8.90
CA ARG B 318 9.85 -29.60 10.09
C ARG B 318 8.40 -29.22 9.73
N VAL B 319 8.22 -28.50 8.63
CA VAL B 319 6.93 -28.01 8.24
C VAL B 319 6.70 -28.50 6.82
N PRO B 320 5.50 -29.01 6.46
CA PRO B 320 5.24 -29.39 5.07
C PRO B 320 5.39 -28.25 4.07
N SER B 321 5.69 -28.59 2.83
CA SER B 321 5.88 -27.60 1.76
C SER B 321 4.61 -26.75 1.66
N MET B 322 4.80 -25.45 1.45
CA MET B 322 3.73 -24.51 1.12
C MET B 322 3.14 -24.85 -0.25
N GLU B 323 3.85 -25.63 -1.08
CA GLU B 323 3.30 -26.12 -2.38
C GLU B 323 1.96 -26.84 -2.21
N LEU B 324 1.66 -27.41 -1.05
CA LEU B 324 0.43 -28.13 -0.85
C LEU B 324 -0.79 -27.18 -0.97
N LEU B 325 -0.58 -25.89 -0.79
CA LEU B 325 -1.65 -24.84 -0.87
C LEU B 325 -1.73 -24.18 -2.25
N GLY B 326 -0.91 -24.59 -3.20
CA GLY B 326 -0.73 -23.83 -4.39
C GLY B 326 0.02 -22.55 -4.11
N ASP B 327 0.16 -21.75 -5.16
CA ASP B 327 0.74 -20.45 -5.09
C ASP B 327 -0.34 -19.54 -4.52
N THR B 328 -0.22 -19.20 -3.23
CA THR B 328 -1.30 -18.42 -2.58
C THR B 328 -1.02 -16.92 -2.70
N GLY B 329 -0.04 -16.52 -3.52
CA GLY B 329 0.06 -15.12 -3.82
C GLY B 329 0.36 -14.32 -2.57
N ALA B 330 -0.38 -13.23 -2.35
CA ALA B 330 -0.13 -12.35 -1.24
C ALA B 330 -0.31 -13.08 0.10
N ALA B 331 -1.13 -14.14 0.12
CA ALA B 331 -1.36 -14.84 1.36
C ALA B 331 -0.09 -15.57 1.79
N SER B 332 0.79 -15.84 0.82
CA SER B 332 1.92 -16.72 1.06
C SER B 332 2.58 -16.51 2.42
N ALA B 333 3.17 -15.34 2.72
CA ALA B 333 4.04 -15.23 3.89
C ALA B 333 3.23 -15.39 5.16
N SER B 334 1.95 -14.98 5.12
CA SER B 334 1.11 -15.13 6.28
C SER B 334 0.82 -16.63 6.53
N PHE B 335 0.56 -17.37 5.46
CA PHE B 335 0.36 -18.80 5.56
C PHE B 335 1.65 -19.45 6.05
N GLN B 336 2.79 -18.87 5.67
CA GLN B 336 4.07 -19.44 6.09
C GLN B 336 4.29 -19.28 7.61
N ILE B 337 4.03 -18.09 8.10
CA ILE B 337 4.10 -17.78 9.49
C ILE B 337 3.07 -18.64 10.23
N ALA B 338 1.83 -18.67 9.75
CA ALA B 338 0.79 -19.53 10.36
C ALA B 338 1.19 -21.01 10.38
N ALA B 339 1.82 -21.51 9.32
CA ALA B 339 2.27 -22.90 9.30
C ALA B 339 3.29 -23.12 10.43
N VAL B 340 4.20 -22.17 10.63
CA VAL B 340 5.15 -22.25 11.72
C VAL B 340 4.42 -22.31 13.06
N LEU B 341 3.40 -21.45 13.25
CA LEU B 341 2.71 -21.41 14.50
C LEU B 341 1.91 -22.72 14.70
N ALA B 342 1.32 -23.23 13.62
CA ALA B 342 0.58 -24.47 13.61
C ALA B 342 1.47 -25.67 13.99
N ALA B 343 2.65 -25.73 13.38
CA ALA B 343 3.68 -26.75 13.65
C ALA B 343 4.13 -26.67 15.11
N ALA B 344 4.25 -25.43 15.61
CA ALA B 344 4.74 -25.18 16.93
C ALA B 344 3.67 -25.51 17.99
N GLU B 345 2.40 -25.13 17.77
CA GLU B 345 1.35 -25.29 18.74
C GLU B 345 1.20 -26.79 19.04
N ALA B 346 1.03 -27.07 20.34
CA ALA B 346 0.67 -28.42 20.88
C ALA B 346 1.86 -29.36 20.65
N ASP B 347 3.07 -28.79 20.76
CA ASP B 347 4.31 -29.53 20.60
C ASP B 347 5.40 -28.79 21.36
N ALA B 348 5.54 -29.17 22.63
CA ALA B 348 6.47 -28.57 23.59
C ALA B 348 7.90 -28.47 23.01
N ASP B 349 8.24 -29.31 22.03
CA ASP B 349 9.58 -29.32 21.38
C ASP B 349 9.86 -27.96 20.72
N SER B 350 8.80 -27.22 20.35
CA SER B 350 8.94 -25.97 19.62
C SER B 350 9.32 -24.80 20.52
N ARG B 351 9.15 -24.94 21.85
CA ARG B 351 9.26 -23.78 22.71
C ARG B 351 10.70 -23.25 22.67
N GLY B 352 10.82 -21.94 22.49
CA GLY B 352 12.04 -21.16 22.39
C GLY B 352 12.79 -21.37 21.09
N ARG B 353 12.21 -22.11 20.11
CA ARG B 353 12.96 -22.44 18.91
C ARG B 353 12.87 -21.29 17.91
N ILE B 354 13.87 -21.18 17.02
CA ILE B 354 13.88 -20.18 15.98
C ILE B 354 13.21 -20.73 14.73
N ALA B 355 12.39 -19.87 14.11
CA ALA B 355 11.83 -20.15 12.83
C ALA B 355 12.18 -18.99 11.87
N LEU B 356 12.34 -19.37 10.62
CA LEU B 356 12.67 -18.47 9.54
C LEU B 356 11.62 -18.67 8.45
N VAL B 357 11.05 -17.57 7.97
CA VAL B 357 10.13 -17.63 6.83
C VAL B 357 10.71 -16.72 5.74
N CYS B 358 10.64 -17.16 4.51
CA CYS B 358 11.27 -16.47 3.44
C CYS B 358 10.26 -16.43 2.29
N ALA B 359 10.22 -15.32 1.57
CA ALA B 359 9.41 -15.26 0.37
C ALA B 359 10.13 -14.42 -0.69
N VAL B 360 9.79 -14.77 -1.94
CA VAL B 360 10.25 -14.07 -3.15
C VAL B 360 9.04 -13.80 -4.02
N ASP B 361 9.08 -12.66 -4.66
CA ASP B 361 7.99 -12.22 -5.43
C ASP B 361 8.50 -11.95 -6.84
N ARG B 362 7.61 -12.12 -7.82
CA ARG B 362 7.99 -11.90 -9.20
C ARG B 362 8.56 -10.49 -9.37
N ASP B 363 8.00 -9.50 -8.68
CA ASP B 363 8.35 -8.11 -8.95
C ASP B 363 9.72 -7.77 -8.33
N GLY B 364 10.46 -8.77 -7.82
CA GLY B 364 11.91 -8.63 -7.49
C GLY B 364 12.22 -8.64 -5.98
N ALA B 365 11.17 -8.50 -5.16
CA ALA B 365 11.32 -8.38 -3.72
C ALA B 365 11.65 -9.73 -3.08
N VAL B 366 12.50 -9.68 -2.04
CA VAL B 366 12.76 -10.77 -1.20
C VAL B 366 12.56 -10.31 0.25
N ALA B 367 11.98 -11.18 1.06
CA ALA B 367 11.83 -10.86 2.49
C ALA B 367 12.00 -12.12 3.32
N VAL B 368 12.55 -11.92 4.54
CA VAL B 368 12.79 -12.94 5.44
C VAL B 368 12.37 -12.46 6.82
N ALA B 369 11.68 -13.33 7.56
CA ALA B 369 11.42 -13.05 8.96
C ALA B 369 12.00 -14.16 9.82
N VAL B 370 12.55 -13.75 10.97
CA VAL B 370 13.06 -14.69 11.98
C VAL B 370 12.19 -14.55 13.23
N LEU B 371 11.62 -15.67 13.66
CA LEU B 371 10.71 -15.69 14.82
C LEU B 371 11.33 -16.55 15.91
N ARG B 372 11.01 -16.25 17.16
CA ARG B 372 11.30 -17.16 18.23
C ARG B 372 9.97 -17.71 18.74
N LEU B 373 9.83 -19.03 18.72
CA LEU B 373 8.58 -19.69 19.13
C LEU B 373 8.57 -19.65 20.66
N ILE B 374 7.42 -19.28 21.23
CA ILE B 374 7.27 -19.15 22.65
C ILE B 374 6.20 -20.16 23.04
N GLY B 375 4.93 -19.72 23.11
CA GLY B 375 3.77 -20.52 23.59
C GLY B 375 3.48 -20.27 25.06
P PO4 C . 17.61 -28.08 14.25
O1 PO4 C . 18.68 -29.08 13.73
O2 PO4 C . 16.73 -27.73 13.02
O3 PO4 C . 18.19 -26.76 14.79
O4 PO4 C . 16.88 -28.70 15.45
C1 EDO D . 9.71 -14.99 -9.48
O1 EDO D . 8.70 -15.56 -8.61
C2 EDO D . 9.64 -15.26 -10.98
O2 EDO D . 10.97 -15.62 -11.33
C ACT E . 16.53 -32.08 15.70
O ACT E . 16.83 -33.28 15.59
OXT ACT E . 16.53 -31.36 14.68
CH3 ACT E . 16.26 -31.47 17.04
#